data_7PCN
#
_entry.id   7PCN
#
_cell.length_a   55.880
_cell.length_b   76.130
_cell.length_c   79.110
_cell.angle_alpha   90.000
_cell.angle_beta   105.140
_cell.angle_gamma   90.000
#
_symmetry.space_group_name_H-M   'P 1 21 1'
#
loop_
_entity.id
_entity.type
_entity.pdbx_description
1 polymer 'Ketol-acid reductoisomerase'
2 non-polymer '1,4-DIHYDRONICOTINAMIDE ADENINE DINUCLEOTIDE'
3 non-polymer 'MAGNESIUM ION'
4 non-polymer (METHYLSULFANYL)METHANE
5 non-polymer dimethyl-[(Z)-3,4,5-tris(oxidanyl)-5-oxidanylidene-pent-3-enyl]sulfanium
6 non-polymer '(2R)-2-oxidanyl-2-(1-oxidanylcyclopropyl)ethanoic acid'
7 water water
#
_entity_poly.entity_id   1
_entity_poly.type   'polypeptide(L)'
_entity_poly.pdbx_seq_one_letter_code
;GSHMASNDLIYQDEHASLQPLEGRTVAVIGYGIQGRAFAANLRDSGVAVRVGNIDDRYFELARAEGHRVTNIAEAVAHAD
IVLLLIPDEAHGAVFDVDIAPNLRDGALLCVAHGHSLVQGDVRPLPGRDLAMLAPRMYGDPIRRYYLAGQGAPAYFDIVA
DHTGRARDRVLAIARAVGFTRAGVMALGYRQETFLDLFQEQFLAPALVDLVETGFQVLVERGFNPKAALLEVYGSGEMGK
MMLDGADIGLDEVVALQGSPTCQVGYHRWRGRTLPTAVRELAARVLDQIEGGDFSAYLKEQASNDYASLDDARRAALKRP
LNVAHAQVRAAFRFPTEAAGGLYQAAQAPADVEPEAAR
;
_entity_poly.pdbx_strand_id   A,B
#
# COMPACT_ATOMS: atom_id res chain seq x y z
N ASP A 8 15.50 18.81 -13.55
CA ASP A 8 15.23 17.38 -13.88
C ASP A 8 14.63 17.28 -15.28
N LEU A 9 15.01 16.25 -16.04
CA LEU A 9 14.44 15.92 -17.37
C LEU A 9 13.44 14.78 -17.19
N ILE A 10 12.15 15.08 -17.32
CA ILE A 10 11.06 14.10 -17.09
C ILE A 10 10.22 14.01 -18.36
N TYR A 11 10.22 12.84 -18.98
CA TYR A 11 9.51 12.56 -20.24
C TYR A 11 8.16 11.91 -19.94
N GLN A 12 7.07 12.47 -20.47
CA GLN A 12 5.73 11.82 -20.47
C GLN A 12 5.36 11.48 -21.92
N ASP A 13 4.14 11.02 -22.17
CA ASP A 13 3.71 10.47 -23.48
C ASP A 13 3.96 11.50 -24.59
N GLU A 14 3.72 12.78 -24.31
CA GLU A 14 3.90 13.87 -25.32
C GLU A 14 5.40 14.09 -25.63
N HIS A 15 6.34 13.48 -24.90
CA HIS A 15 7.80 13.66 -25.11
C HIS A 15 8.43 12.44 -25.76
N ALA A 16 7.63 11.44 -26.15
CA ALA A 16 8.13 10.17 -26.70
C ALA A 16 7.18 9.69 -27.79
N SER A 17 7.65 8.80 -28.67
CA SER A 17 6.81 8.25 -29.74
C SER A 17 7.25 6.81 -30.03
N LEU A 18 6.40 6.03 -30.70
CA LEU A 18 6.71 4.64 -31.11
C LEU A 18 7.42 4.67 -32.48
N GLN A 19 7.61 5.84 -33.10
CA GLN A 19 8.21 5.97 -34.45
C GLN A 19 9.57 5.27 -34.50
N PRO A 20 10.46 5.45 -33.51
CA PRO A 20 11.77 4.79 -33.54
C PRO A 20 11.73 3.25 -33.51
N LEU A 21 10.58 2.63 -33.23
CA LEU A 21 10.46 1.14 -33.19
C LEU A 21 9.90 0.62 -34.52
N GLU A 22 9.49 1.52 -35.43
CA GLU A 22 8.96 1.13 -36.77
C GLU A 22 10.04 0.31 -37.47
N GLY A 23 9.68 -0.90 -37.91
CA GLY A 23 10.59 -1.80 -38.64
C GLY A 23 11.69 -2.40 -37.77
N ARG A 24 11.63 -2.25 -36.44
CA ARG A 24 12.66 -2.82 -35.54
C ARG A 24 12.08 -3.96 -34.71
N THR A 25 12.96 -4.90 -34.33
CA THR A 25 12.63 -6.07 -33.49
C THR A 25 13.31 -5.90 -32.14
N VAL A 26 12.53 -6.10 -31.07
CA VAL A 26 13.04 -6.09 -29.68
C VAL A 26 13.20 -7.54 -29.19
N ALA A 27 14.41 -7.89 -28.75
CA ALA A 27 14.67 -9.14 -28.02
C ALA A 27 14.60 -8.87 -26.52
N VAL A 28 13.63 -9.50 -25.85
CA VAL A 28 13.56 -9.54 -24.38
C VAL A 28 14.36 -10.77 -23.93
N ILE A 29 15.46 -10.52 -23.22
CA ILE A 29 16.36 -11.58 -22.71
C ILE A 29 15.96 -11.83 -21.25
N GLY A 30 15.38 -13.00 -21.01
CA GLY A 30 14.71 -13.34 -19.75
C GLY A 30 13.21 -13.12 -19.84
N TYR A 31 12.48 -13.88 -19.05
CA TYR A 31 11.01 -13.84 -19.01
C TYR A 31 10.60 -13.97 -17.55
N GLY A 32 11.33 -13.30 -16.67
CA GLY A 32 11.03 -13.31 -15.23
C GLY A 32 10.11 -12.16 -14.85
N ILE A 33 10.31 -11.63 -13.66
CA ILE A 33 9.41 -10.58 -13.11
C ILE A 33 9.34 -9.40 -14.10
N GLN A 34 10.48 -8.87 -14.55
CA GLN A 34 10.48 -7.72 -15.51
C GLN A 34 10.30 -8.22 -16.95
N GLY A 35 11.01 -9.27 -17.36
CA GLY A 35 10.95 -9.76 -18.76
C GLY A 35 9.53 -10.05 -19.21
N ARG A 36 8.74 -10.68 -18.35
CA ARG A 36 7.34 -11.04 -18.68
C ARG A 36 6.52 -9.76 -18.90
N ALA A 37 6.68 -8.74 -18.06
CA ALA A 37 5.92 -7.48 -18.14
C ALA A 37 6.33 -6.69 -19.40
N PHE A 38 7.63 -6.56 -19.65
CA PHE A 38 8.13 -5.88 -20.87
C PHE A 38 7.60 -6.60 -22.09
N ALA A 39 7.72 -7.92 -22.18
CA ALA A 39 7.30 -8.68 -23.37
C ALA A 39 5.79 -8.52 -23.56
N ALA A 40 5.01 -8.57 -22.49
CA ALA A 40 3.54 -8.45 -22.59
C ALA A 40 3.16 -7.07 -23.10
N ASN A 41 3.72 -6.01 -22.50
CA ASN A 41 3.32 -4.62 -22.84
C ASN A 41 3.82 -4.29 -24.25
N LEU A 42 5.05 -4.67 -24.59
CA LEU A 42 5.58 -4.47 -25.97
C LEU A 42 4.61 -5.09 -26.98
N ARG A 43 4.21 -6.36 -26.79
CA ARG A 43 3.33 -7.07 -27.76
C ARG A 43 2.03 -6.27 -27.92
N ASP A 44 1.40 -5.91 -26.80
CA ASP A 44 0.10 -5.20 -26.79
C ASP A 44 0.24 -3.80 -27.38
N SER A 45 1.42 -3.19 -27.34
CA SER A 45 1.69 -1.89 -27.99
C SER A 45 1.98 -2.05 -29.49
N GLY A 46 1.94 -3.27 -30.04
CA GLY A 46 2.14 -3.49 -31.49
C GLY A 46 3.61 -3.57 -31.90
N VAL A 47 4.51 -3.78 -30.96
CA VAL A 47 5.99 -3.84 -31.22
C VAL A 47 6.37 -5.28 -31.57
N ALA A 48 7.23 -5.48 -32.56
CA ALA A 48 7.78 -6.80 -32.92
C ALA A 48 8.69 -7.23 -31.77
N VAL A 49 8.31 -8.29 -31.05
CA VAL A 49 9.07 -8.72 -29.85
C VAL A 49 9.33 -10.22 -29.95
N ARG A 50 10.51 -10.62 -29.50
CA ARG A 50 10.86 -12.05 -29.35
C ARG A 50 11.56 -12.21 -28.01
N VAL A 51 11.53 -13.43 -27.50
CA VAL A 51 12.12 -13.77 -26.17
C VAL A 51 13.33 -14.68 -26.37
N GLY A 52 14.45 -14.30 -25.78
CA GLY A 52 15.63 -15.17 -25.63
C GLY A 52 15.71 -15.66 -24.21
N ASN A 53 15.81 -16.98 -24.00
CA ASN A 53 15.82 -17.57 -22.65
C ASN A 53 16.59 -18.90 -22.67
N ILE A 54 17.22 -19.25 -21.54
CA ILE A 54 17.85 -20.58 -21.35
C ILE A 54 16.76 -21.66 -21.21
N ASP A 55 17.16 -22.93 -21.16
CA ASP A 55 16.22 -24.08 -21.08
C ASP A 55 15.76 -24.28 -19.62
N ASP A 56 14.85 -23.44 -19.13
CA ASP A 56 14.27 -23.55 -17.76
C ASP A 56 12.75 -23.34 -17.85
N ARG A 57 12.06 -23.23 -16.71
CA ARG A 57 10.58 -23.11 -16.72
C ARG A 57 10.12 -21.83 -17.44
N TYR A 58 10.95 -20.77 -17.44
CA TYR A 58 10.56 -19.46 -18.02
C TYR A 58 10.48 -19.55 -19.54
N PHE A 59 11.28 -20.42 -20.16
CA PHE A 59 11.22 -20.66 -21.62
C PHE A 59 9.81 -21.16 -21.92
N GLU A 60 9.35 -22.15 -21.17
CA GLU A 60 8.03 -22.81 -21.43
C GLU A 60 6.90 -21.82 -21.13
N LEU A 61 7.05 -20.99 -20.10
CA LEU A 61 6.02 -19.98 -19.76
C LEU A 61 5.89 -19.00 -20.92
N ALA A 62 7.00 -18.52 -21.47
CA ALA A 62 6.98 -17.58 -22.62
C ALA A 62 6.26 -18.22 -23.80
N ARG A 63 6.55 -19.49 -24.07
CA ARG A 63 5.84 -20.25 -25.13
C ARG A 63 4.35 -20.37 -24.80
N ALA A 64 3.98 -20.75 -23.57
CA ALA A 64 2.57 -20.89 -23.14
C ALA A 64 1.82 -19.56 -23.37
N GLU A 65 2.52 -18.44 -23.19
CA GLU A 65 1.91 -17.09 -23.28
C GLU A 65 2.02 -16.53 -24.71
N GLY A 66 2.45 -17.36 -25.66
CA GLY A 66 2.25 -17.11 -27.10
C GLY A 66 3.43 -16.39 -27.75
N HIS A 67 4.57 -16.29 -27.06
CA HIS A 67 5.76 -15.57 -27.59
C HIS A 67 6.57 -16.48 -28.53
N ARG A 68 7.32 -15.84 -29.43
CA ARG A 68 8.40 -16.48 -30.23
C ARG A 68 9.63 -16.58 -29.31
N VAL A 69 10.01 -17.80 -28.94
CA VAL A 69 11.09 -18.03 -27.92
C VAL A 69 12.21 -18.85 -28.54
N THR A 70 13.46 -18.44 -28.28
CA THR A 70 14.70 -19.13 -28.70
C THR A 70 15.75 -18.98 -27.59
N ASN A 71 16.91 -19.58 -27.80
CA ASN A 71 18.08 -19.34 -26.92
C ASN A 71 18.48 -17.87 -27.03
N ILE A 72 19.33 -17.42 -26.14
CA ILE A 72 19.67 -15.97 -26.01
C ILE A 72 20.45 -15.50 -27.25
N ALA A 73 21.49 -16.23 -27.69
CA ALA A 73 22.33 -15.86 -28.85
C ALA A 73 21.44 -15.62 -30.07
N GLU A 74 20.50 -16.53 -30.36
CA GLU A 74 19.64 -16.44 -31.56
C GLU A 74 18.76 -15.18 -31.46
N ALA A 75 18.19 -14.91 -30.28
CA ALA A 75 17.30 -13.75 -30.06
C ALA A 75 18.10 -12.47 -30.34
N VAL A 76 19.30 -12.37 -29.79
CA VAL A 76 20.18 -11.17 -29.96
C VAL A 76 20.56 -11.00 -31.44
N ALA A 77 20.97 -12.07 -32.11
CA ALA A 77 21.43 -12.04 -33.53
C ALA A 77 20.35 -11.44 -34.45
N HIS A 78 19.07 -11.55 -34.08
CA HIS A 78 17.92 -11.15 -34.92
C HIS A 78 17.21 -9.92 -34.37
N ALA A 79 17.85 -9.13 -33.51
CA ALA A 79 17.20 -7.99 -32.83
C ALA A 79 17.95 -6.69 -33.10
N ASP A 80 17.19 -5.59 -33.14
CA ASP A 80 17.73 -4.20 -33.24
C ASP A 80 17.88 -3.59 -31.83
N ILE A 81 17.07 -4.03 -30.87
CA ILE A 81 17.09 -3.57 -29.45
C ILE A 81 17.04 -4.82 -28.57
N VAL A 82 17.94 -4.90 -27.59
CA VAL A 82 18.08 -6.05 -26.68
C VAL A 82 17.88 -5.53 -25.25
N LEU A 83 16.92 -6.10 -24.53
CA LEU A 83 16.63 -5.79 -23.11
C LEU A 83 17.13 -6.96 -22.25
N LEU A 84 18.17 -6.73 -21.44
CA LEU A 84 18.81 -7.78 -20.61
C LEU A 84 18.09 -7.84 -19.27
N LEU A 85 17.04 -8.66 -19.18
CA LEU A 85 16.15 -8.74 -17.99
C LEU A 85 16.34 -10.12 -17.32
N ILE A 86 17.58 -10.36 -16.90
CA ILE A 86 17.97 -11.55 -16.08
C ILE A 86 18.66 -11.02 -14.83
N PRO A 87 18.82 -11.86 -13.78
CA PRO A 87 19.48 -11.42 -12.56
C PRO A 87 20.84 -10.77 -12.82
N ASP A 88 21.14 -9.74 -12.04
CA ASP A 88 22.33 -8.86 -12.29
C ASP A 88 23.62 -9.68 -12.23
N GLU A 89 23.73 -10.65 -11.32
CA GLU A 89 24.99 -11.43 -11.18
C GLU A 89 25.23 -12.30 -12.42
N ALA A 90 24.20 -12.58 -13.24
CA ALA A 90 24.32 -13.42 -14.45
C ALA A 90 24.69 -12.58 -15.69
N HIS A 91 24.67 -11.25 -15.59
CA HIS A 91 24.87 -10.35 -16.77
C HIS A 91 26.24 -10.59 -17.42
N GLY A 92 27.31 -10.70 -16.63
CA GLY A 92 28.69 -10.78 -17.13
C GLY A 92 28.90 -11.93 -18.10
N ALA A 93 28.57 -13.16 -17.69
CA ALA A 93 28.75 -14.40 -18.48
C ALA A 93 27.89 -14.34 -19.74
N VAL A 94 26.63 -13.94 -19.59
CA VAL A 94 25.65 -13.90 -20.72
C VAL A 94 26.09 -12.79 -21.68
N PHE A 95 26.57 -11.66 -21.16
CA PHE A 95 27.08 -10.55 -22.01
C PHE A 95 28.28 -11.06 -22.83
N ASP A 96 29.26 -11.69 -22.20
CA ASP A 96 30.54 -12.10 -22.86
C ASP A 96 30.26 -13.20 -23.90
N VAL A 97 29.39 -14.14 -23.58
CA VAL A 97 29.25 -15.38 -24.40
C VAL A 97 28.12 -15.21 -25.41
N ASP A 98 26.96 -14.66 -25.00
CA ASP A 98 25.72 -14.71 -25.80
C ASP A 98 25.42 -13.36 -26.48
N ILE A 99 25.72 -12.23 -25.85
CA ILE A 99 25.22 -10.92 -26.34
C ILE A 99 26.31 -10.25 -27.19
N ALA A 100 27.47 -9.97 -26.61
CA ALA A 100 28.53 -9.16 -27.29
C ALA A 100 28.85 -9.74 -28.68
N PRO A 101 29.03 -11.06 -28.87
CA PRO A 101 29.38 -11.61 -30.20
C PRO A 101 28.24 -11.56 -31.24
N ASN A 102 27.00 -11.28 -30.82
CA ASN A 102 25.79 -11.37 -31.69
C ASN A 102 25.10 -10.01 -31.85
N LEU A 103 25.50 -9.00 -31.10
CA LEU A 103 24.83 -7.67 -31.13
C LEU A 103 25.18 -6.97 -32.46
N ARG A 104 24.17 -6.69 -33.28
CA ARG A 104 24.31 -6.06 -34.62
C ARG A 104 24.98 -4.68 -34.49
N ASP A 105 25.61 -4.23 -35.58
CA ASP A 105 26.07 -2.82 -35.70
C ASP A 105 24.86 -1.91 -35.50
N GLY A 106 24.98 -0.91 -34.63
CA GLY A 106 23.91 0.09 -34.42
C GLY A 106 22.80 -0.44 -33.52
N ALA A 107 22.89 -1.66 -32.98
CA ALA A 107 21.87 -2.18 -32.04
C ALA A 107 22.03 -1.46 -30.69
N LEU A 108 20.94 -1.45 -29.94
CA LEU A 108 20.83 -0.88 -28.57
C LEU A 108 20.70 -2.02 -27.56
N LEU A 109 21.56 -2.03 -26.55
CA LEU A 109 21.43 -2.91 -25.38
C LEU A 109 20.96 -2.06 -24.20
N CYS A 110 19.93 -2.53 -23.49
CA CYS A 110 19.37 -1.85 -22.30
C CYS A 110 19.42 -2.80 -21.11
N VAL A 111 19.78 -2.26 -19.95
CA VAL A 111 19.61 -2.94 -18.64
C VAL A 111 18.53 -2.18 -17.86
N ALA A 112 17.99 -2.83 -16.82
CA ALA A 112 16.90 -2.29 -15.98
C ALA A 112 17.39 -1.95 -14.57
N HIS A 113 18.72 -1.93 -14.39
CA HIS A 113 19.41 -1.66 -13.11
C HIS A 113 20.87 -1.36 -13.44
N GLY A 114 21.50 -0.43 -12.71
CA GLY A 114 22.86 0.01 -13.06
C GLY A 114 23.95 -0.92 -12.58
N HIS A 115 23.63 -1.98 -11.81
CA HIS A 115 24.65 -2.71 -11.02
C HIS A 115 25.73 -3.32 -11.94
N SER A 116 25.34 -3.98 -13.02
CA SER A 116 26.32 -4.67 -13.91
C SER A 116 27.21 -3.63 -14.64
N LEU A 117 26.70 -2.42 -14.87
CA LEU A 117 27.49 -1.32 -15.47
C LEU A 117 28.54 -0.84 -14.46
N VAL A 118 28.12 -0.60 -13.23
CA VAL A 118 29.02 -0.19 -12.13
C VAL A 118 30.15 -1.22 -11.98
N GLN A 119 29.83 -2.51 -12.03
CA GLN A 119 30.82 -3.61 -11.79
C GLN A 119 31.70 -3.85 -13.04
N GLY A 120 31.34 -3.27 -14.19
CA GLY A 120 32.03 -3.47 -15.48
C GLY A 120 31.77 -4.84 -16.10
N ASP A 121 30.67 -5.51 -15.73
CA ASP A 121 30.27 -6.83 -16.28
C ASP A 121 29.54 -6.66 -17.61
N VAL A 122 28.89 -5.50 -17.79
CA VAL A 122 28.29 -5.01 -19.06
C VAL A 122 29.01 -3.71 -19.40
N ARG A 123 29.52 -3.60 -20.64
CA ARG A 123 30.41 -2.50 -21.07
C ARG A 123 29.97 -2.00 -22.44
N PRO A 124 30.25 -0.72 -22.77
CA PRO A 124 29.99 -0.21 -24.11
C PRO A 124 30.77 -1.05 -25.12
N LEU A 125 30.19 -1.25 -26.30
CA LEU A 125 30.83 -1.95 -27.43
C LEU A 125 30.95 -0.99 -28.61
N PRO A 126 32.10 -1.00 -29.34
CA PRO A 126 32.25 -0.13 -30.51
C PRO A 126 31.07 -0.32 -31.49
N GLY A 127 30.50 0.79 -31.97
CA GLY A 127 29.46 0.77 -33.03
C GLY A 127 28.06 0.44 -32.49
N ARG A 128 27.89 0.31 -31.18
CA ARG A 128 26.60 -0.09 -30.56
C ARG A 128 26.21 0.92 -29.48
N ASP A 129 24.93 0.90 -29.09
CA ASP A 129 24.37 1.81 -28.06
C ASP A 129 24.14 1.03 -26.76
N LEU A 130 24.23 1.71 -25.62
CA LEU A 130 24.07 1.10 -24.28
C LEU A 130 23.27 2.07 -23.40
N ALA A 131 22.22 1.59 -22.75
CA ALA A 131 21.34 2.44 -21.92
C ALA A 131 20.76 1.65 -20.75
N MET A 132 20.28 2.40 -19.77
CA MET A 132 19.50 1.89 -18.63
C MET A 132 18.08 2.42 -18.75
N LEU A 133 17.09 1.54 -18.57
CA LEU A 133 15.67 1.92 -18.36
C LEU A 133 15.19 1.10 -17.16
N ALA A 134 15.07 1.76 -16.02
CA ALA A 134 14.94 1.11 -14.70
C ALA A 134 13.58 1.47 -14.10
N PRO A 135 12.59 0.56 -14.22
CA PRO A 135 11.25 0.79 -13.65
C PRO A 135 11.32 0.92 -12.13
N ARG A 136 10.45 1.76 -11.58
CA ARG A 136 10.35 2.01 -10.11
C ARG A 136 9.18 1.18 -9.57
N MET A 137 9.08 -0.09 -9.97
CA MET A 137 7.89 -0.92 -9.70
C MET A 137 8.22 -2.35 -10.11
N TYR A 138 7.55 -3.32 -9.49
CA TYR A 138 7.69 -4.74 -9.88
C TYR A 138 6.68 -5.06 -10.99
N GLY A 139 6.76 -6.27 -11.53
CA GLY A 139 6.15 -6.65 -12.81
C GLY A 139 4.62 -6.60 -12.79
N ASP A 140 3.95 -7.27 -11.85
CA ASP A 140 2.46 -7.36 -11.85
C ASP A 140 1.84 -5.97 -11.89
N PRO A 141 2.24 -4.99 -11.05
CA PRO A 141 1.63 -3.66 -11.14
C PRO A 141 1.92 -2.95 -12.47
N ILE A 142 3.13 -3.10 -13.02
CA ILE A 142 3.46 -2.56 -14.37
C ILE A 142 2.41 -3.09 -15.36
N ARG A 143 2.15 -4.38 -15.31
CA ARG A 143 1.21 -5.03 -16.25
C ARG A 143 -0.23 -4.54 -15.97
N ARG A 144 -0.70 -4.58 -14.72
CA ARG A 144 -2.07 -4.16 -14.36
C ARG A 144 -2.27 -2.69 -14.76
N TYR A 145 -1.31 -1.82 -14.45
CA TYR A 145 -1.40 -0.39 -14.79
C TYR A 145 -1.54 -0.23 -16.30
N TYR A 146 -0.68 -0.92 -17.06
CA TYR A 146 -0.69 -0.89 -18.54
C TYR A 146 -2.11 -1.19 -19.06
N LEU A 147 -2.75 -2.23 -18.54
CA LEU A 147 -4.09 -2.67 -19.04
C LEU A 147 -5.18 -1.66 -18.69
N ALA A 148 -4.94 -0.81 -17.69
CA ALA A 148 -5.89 0.25 -17.24
C ALA A 148 -5.54 1.61 -17.87
N GLY A 149 -4.58 1.66 -18.80
CA GLY A 149 -4.18 2.90 -19.49
C GLY A 149 -3.29 3.77 -18.62
N GLN A 150 -2.60 3.16 -17.65
CA GLN A 150 -1.77 3.84 -16.63
C GLN A 150 -0.34 3.29 -16.70
N GLY A 151 0.57 3.84 -15.90
CA GLY A 151 1.94 3.32 -15.86
C GLY A 151 2.61 3.68 -14.55
N ALA A 152 3.77 3.09 -14.33
CA ALA A 152 4.65 3.37 -13.18
C ALA A 152 5.84 4.20 -13.67
N PRO A 153 6.49 4.98 -12.78
CA PRO A 153 7.64 5.77 -13.21
C PRO A 153 8.86 4.89 -13.54
N ALA A 154 9.82 5.47 -14.25
CA ALA A 154 11.14 4.83 -14.51
C ALA A 154 12.22 5.90 -14.52
N TYR A 155 13.47 5.47 -14.29
CA TYR A 155 14.70 6.27 -14.54
C TYR A 155 15.39 5.75 -15.79
N PHE A 156 16.02 6.65 -16.55
CA PHE A 156 16.78 6.24 -17.74
C PHE A 156 18.14 6.95 -17.75
N ASP A 157 19.09 6.33 -18.44
CA ASP A 157 20.42 6.94 -18.68
C ASP A 157 20.95 6.42 -20.02
N ILE A 158 21.50 7.30 -20.83
CA ILE A 158 22.20 6.90 -22.08
C ILE A 158 23.69 6.83 -21.77
N VAL A 159 24.24 5.61 -21.78
CA VAL A 159 25.64 5.32 -21.36
C VAL A 159 26.59 5.43 -22.56
N ALA A 160 26.21 4.84 -23.70
CA ALA A 160 26.98 4.89 -24.97
C ALA A 160 25.98 5.08 -26.12
N ASP A 161 26.29 5.97 -27.05
CA ASP A 161 25.35 6.36 -28.12
C ASP A 161 26.12 6.49 -29.45
N HIS A 162 26.54 5.37 -30.01
CA HIS A 162 27.23 5.36 -31.31
C HIS A 162 26.31 5.96 -32.38
N THR A 163 25.05 5.52 -32.42
CA THR A 163 24.09 5.91 -33.49
C THR A 163 23.68 7.38 -33.38
N GLY A 164 23.69 7.95 -32.18
CA GLY A 164 23.06 9.24 -31.86
C GLY A 164 21.54 9.16 -31.73
N ARG A 165 20.95 7.96 -31.79
CA ARG A 165 19.46 7.77 -31.73
C ARG A 165 19.06 6.95 -30.49
N ALA A 166 19.99 6.70 -29.56
CA ALA A 166 19.73 5.85 -28.38
C ALA A 166 18.59 6.46 -27.54
N ARG A 167 18.59 7.78 -27.33
CA ARG A 167 17.63 8.43 -26.42
C ARG A 167 16.21 8.17 -26.93
N ASP A 168 15.95 8.43 -28.19
CA ASP A 168 14.56 8.29 -28.70
C ASP A 168 14.19 6.80 -28.74
N ARG A 169 15.14 5.89 -28.95
CA ARG A 169 14.83 4.43 -28.96
C ARG A 169 14.50 3.96 -27.53
N VAL A 170 15.27 4.36 -26.54
CA VAL A 170 15.00 4.03 -25.11
C VAL A 170 13.62 4.58 -24.70
N LEU A 171 13.32 5.83 -25.05
CA LEU A 171 12.04 6.46 -24.63
C LEU A 171 10.88 5.83 -25.41
N ALA A 172 11.13 5.34 -26.64
CA ALA A 172 10.10 4.60 -27.42
C ALA A 172 9.76 3.30 -26.68
N ILE A 173 10.76 2.57 -26.19
CA ILE A 173 10.54 1.35 -25.36
C ILE A 173 9.74 1.76 -24.12
N ALA A 174 10.15 2.84 -23.45
CA ALA A 174 9.46 3.28 -22.22
C ALA A 174 7.99 3.63 -22.51
N ARG A 175 7.70 4.29 -23.63
CA ARG A 175 6.30 4.61 -24.01
C ARG A 175 5.52 3.31 -24.31
N ALA A 176 6.12 2.36 -25.02
CA ALA A 176 5.45 1.10 -25.41
C ALA A 176 5.10 0.28 -24.17
N VAL A 177 5.90 0.38 -23.10
CA VAL A 177 5.72 -0.44 -21.88
C VAL A 177 4.87 0.33 -20.84
N GLY A 178 4.68 1.64 -21.00
CA GLY A 178 3.73 2.43 -20.19
C GLY A 178 4.37 3.44 -19.25
N PHE A 179 5.69 3.44 -19.09
CA PHE A 179 6.37 4.26 -18.05
C PHE A 179 6.15 5.75 -18.30
N THR A 180 6.04 6.19 -19.55
CA THR A 180 5.84 7.64 -19.89
C THR A 180 4.44 8.09 -19.46
N ARG A 181 3.52 7.17 -19.14
CA ARG A 181 2.19 7.58 -18.62
C ARG A 181 2.33 8.19 -17.23
N ALA A 182 3.37 7.82 -16.48
CA ALA A 182 3.71 8.40 -15.15
C ALA A 182 4.77 9.48 -15.33
N GLY A 183 5.92 9.09 -15.90
CA GLY A 183 7.09 9.95 -16.03
C GLY A 183 8.37 9.13 -16.08
N VAL A 184 9.26 9.43 -17.00
CA VAL A 184 10.58 8.74 -17.13
C VAL A 184 11.64 9.83 -16.95
N MET A 185 12.40 9.73 -15.86
CA MET A 185 13.35 10.80 -15.48
C MET A 185 14.78 10.36 -15.76
N ALA A 186 15.61 11.29 -16.26
CA ALA A 186 17.05 11.04 -16.45
C ALA A 186 17.69 10.91 -15.07
N LEU A 187 18.39 9.82 -14.83
CA LEU A 187 19.19 9.60 -13.62
C LEU A 187 20.37 8.70 -13.99
N GLY A 188 21.59 9.09 -13.59
CA GLY A 188 22.81 8.30 -13.89
C GLY A 188 22.68 6.87 -13.38
N TYR A 189 23.19 5.91 -14.14
CA TYR A 189 23.10 4.46 -13.81
C TYR A 189 23.78 4.17 -12.46
N ARG A 190 24.85 4.88 -12.10
CA ARG A 190 25.55 4.63 -10.82
C ARG A 190 24.65 5.08 -9.65
N GLN A 191 24.05 6.27 -9.74
CA GLN A 191 23.09 6.77 -8.72
C GLN A 191 21.90 5.81 -8.61
N GLU A 192 21.33 5.38 -9.75
CA GLU A 192 20.17 4.45 -9.74
C GLU A 192 20.57 3.20 -8.95
N THR A 193 21.78 2.69 -9.16
CA THR A 193 22.23 1.42 -8.54
C THR A 193 22.16 1.59 -7.02
N PHE A 194 22.78 2.64 -6.51
CA PHE A 194 22.93 2.83 -5.04
C PHE A 194 21.58 3.14 -4.41
N LEU A 195 20.77 3.96 -5.09
CA LEU A 195 19.42 4.38 -4.60
C LEU A 195 18.51 3.15 -4.54
N ASP A 196 18.52 2.35 -5.60
CA ASP A 196 17.69 1.13 -5.71
C ASP A 196 18.10 0.15 -4.60
N LEU A 197 19.41 -0.12 -4.45
CA LEU A 197 19.89 -1.07 -3.43
C LEU A 197 19.56 -0.54 -2.02
N PHE A 198 19.61 0.77 -1.81
CA PHE A 198 19.29 1.39 -0.50
C PHE A 198 17.82 1.10 -0.13
N GLN A 199 16.89 1.22 -1.08
CA GLN A 199 15.45 0.95 -0.82
C GLN A 199 15.29 -0.51 -0.38
N GLU A 200 16.07 -1.42 -0.97
CA GLU A 200 15.98 -2.88 -0.78
C GLU A 200 16.63 -3.30 0.54
N GLN A 201 17.66 -2.57 0.98
CA GLN A 201 18.55 -3.01 2.09
C GLN A 201 18.27 -2.22 3.37
N PHE A 202 17.90 -0.94 3.29
CA PHE A 202 17.48 -0.16 4.47
C PHE A 202 15.95 -0.17 4.59
N LEU A 203 15.26 0.42 3.61
CA LEU A 203 13.84 0.81 3.80
C LEU A 203 12.92 -0.43 3.86
N ALA A 204 13.00 -1.35 2.90
CA ALA A 204 12.06 -2.49 2.83
C ALA A 204 12.20 -3.34 4.09
N PRO A 205 13.41 -3.78 4.49
CA PRO A 205 13.53 -4.57 5.72
C PRO A 205 13.19 -3.79 7.00
N ALA A 206 13.45 -2.48 7.05
CA ALA A 206 13.10 -1.67 8.24
C ALA A 206 11.57 -1.59 8.37
N LEU A 207 10.85 -1.42 7.27
CA LEU A 207 9.37 -1.34 7.26
C LEU A 207 8.81 -2.68 7.75
N VAL A 208 9.32 -3.80 7.24
CA VAL A 208 8.78 -5.13 7.66
C VAL A 208 9.22 -5.39 9.12
N ASP A 209 10.44 -5.01 9.49
CA ASP A 209 10.90 -5.17 10.89
C ASP A 209 9.99 -4.35 11.83
N LEU A 210 9.56 -3.17 11.41
CA LEU A 210 8.71 -2.29 12.27
C LEU A 210 7.34 -2.94 12.44
N VAL A 211 6.71 -3.34 11.33
CA VAL A 211 5.41 -4.05 11.36
C VAL A 211 5.53 -5.27 12.29
N GLU A 212 6.62 -6.04 12.15
CA GLU A 212 6.85 -7.26 12.95
C GLU A 212 7.00 -6.88 14.42
N THR A 213 7.70 -5.79 14.71
CA THR A 213 7.88 -5.31 16.11
C THR A 213 6.52 -4.95 16.71
N GLY A 214 5.66 -4.25 15.97
CA GLY A 214 4.31 -3.91 16.45
C GLY A 214 3.53 -5.16 16.79
N PHE A 215 3.55 -6.14 15.89
CA PHE A 215 2.89 -7.45 16.06
C PHE A 215 3.41 -8.12 17.34
N GLN A 216 4.74 -8.25 17.45
CA GLN A 216 5.42 -8.98 18.56
C GLN A 216 5.04 -8.33 19.89
N VAL A 217 5.12 -7.00 20.01
CA VAL A 217 4.81 -6.31 21.30
C VAL A 217 3.33 -6.52 21.65
N LEU A 218 2.43 -6.43 20.67
CA LEU A 218 0.98 -6.62 20.94
C LEU A 218 0.73 -8.03 21.49
N VAL A 219 1.30 -9.06 20.87
CA VAL A 219 1.12 -10.47 21.31
C VAL A 219 1.72 -10.62 22.72
N GLU A 220 2.89 -10.04 22.95
CA GLU A 220 3.55 -10.13 24.29
C GLU A 220 2.67 -9.46 25.36
N ARG A 221 1.91 -8.43 24.98
CA ARG A 221 1.10 -7.59 25.92
C ARG A 221 -0.34 -8.14 26.03
N GLY A 222 -0.59 -9.35 25.50
CA GLY A 222 -1.83 -10.11 25.70
C GLY A 222 -2.90 -9.87 24.63
N PHE A 223 -2.58 -9.19 23.53
CA PHE A 223 -3.59 -8.91 22.49
C PHE A 223 -3.81 -10.15 21.65
N ASN A 224 -5.02 -10.26 21.12
CA ASN A 224 -5.45 -11.30 20.16
C ASN A 224 -4.49 -11.26 18.97
N PRO A 225 -3.73 -12.34 18.68
CA PRO A 225 -2.76 -12.34 17.58
C PRO A 225 -3.33 -12.07 16.18
N LYS A 226 -4.53 -12.55 15.87
CA LYS A 226 -5.17 -12.25 14.57
C LYS A 226 -5.43 -10.73 14.47
N ALA A 227 -5.99 -10.13 15.52
CA ALA A 227 -6.29 -8.68 15.55
C ALA A 227 -4.98 -7.89 15.43
N ALA A 228 -3.94 -8.31 16.16
CA ALA A 228 -2.61 -7.63 16.10
C ALA A 228 -2.11 -7.64 14.64
N LEU A 229 -2.15 -8.81 14.00
CA LEU A 229 -1.64 -8.99 12.62
C LEU A 229 -2.45 -8.10 11.68
N LEU A 230 -3.78 -8.10 11.83
CA LEU A 230 -4.65 -7.28 10.97
C LEU A 230 -4.30 -5.80 11.11
N GLU A 231 -4.10 -5.29 12.33
CA GLU A 231 -3.87 -3.83 12.50
C GLU A 231 -2.52 -3.44 11.90
N VAL A 232 -1.48 -4.26 12.06
CA VAL A 232 -0.13 -3.79 11.63
C VAL A 232 0.03 -3.87 10.10
N TYR A 233 -0.70 -4.74 9.40
CA TYR A 233 -0.77 -4.70 7.92
C TYR A 233 -1.89 -5.59 7.38
N GLY A 234 -2.28 -6.66 8.08
CA GLY A 234 -3.14 -7.72 7.51
C GLY A 234 -4.50 -7.24 7.01
N SER A 235 -5.07 -6.20 7.60
CA SER A 235 -6.37 -5.63 7.18
C SER A 235 -6.25 -4.97 5.80
N GLY A 236 -5.03 -4.62 5.40
CA GLY A 236 -4.77 -3.78 4.21
C GLY A 236 -4.77 -2.29 4.51
N GLU A 237 -5.14 -1.89 5.72
CA GLU A 237 -5.32 -0.46 6.07
C GLU A 237 -3.98 0.27 5.94
N MET A 238 -2.92 -0.26 6.53
CA MET A 238 -1.63 0.46 6.51
C MET A 238 -1.08 0.51 5.06
N GLY A 239 -1.26 -0.56 4.26
CA GLY A 239 -0.88 -0.54 2.83
C GLY A 239 -1.68 0.48 2.04
N LYS A 240 -2.99 0.59 2.31
CA LYS A 240 -3.86 1.59 1.64
C LYS A 240 -3.35 2.99 1.98
N MET A 241 -2.96 3.23 3.24
CA MET A 241 -2.45 4.55 3.67
C MET A 241 -1.16 4.87 2.89
N MET A 242 -0.25 3.92 2.73
CA MET A 242 1.02 4.16 1.99
C MET A 242 0.74 4.40 0.51
N LEU A 243 -0.25 3.70 -0.06
CA LEU A 243 -0.54 3.81 -1.51
C LEU A 243 -1.32 5.10 -1.78
N ASP A 244 -2.34 5.41 -0.97
CA ASP A 244 -3.04 6.71 -1.03
C ASP A 244 -2.01 7.82 -0.75
N GLY A 245 -1.06 7.57 0.15
CA GLY A 245 0.01 8.54 0.50
C GLY A 245 0.85 8.91 -0.73
N ALA A 246 1.15 7.95 -1.58
CA ALA A 246 1.86 8.19 -2.85
C ALA A 246 1.12 9.28 -3.65
N ASP A 247 -0.21 9.28 -3.63
CA ASP A 247 -1.04 10.27 -4.37
C ASP A 247 -1.00 11.61 -3.65
N ILE A 248 -1.44 11.69 -2.40
CA ILE A 248 -1.78 12.99 -1.76
C ILE A 248 -0.78 13.38 -0.65
N GLY A 249 0.07 12.47 -0.23
CA GLY A 249 1.02 12.69 0.89
C GLY A 249 0.60 11.90 2.13
N LEU A 250 1.57 11.43 2.89
CA LEU A 250 1.30 10.52 4.03
C LEU A 250 0.61 11.26 5.18
N ASP A 251 1.08 12.46 5.51
CA ASP A 251 0.47 13.29 6.59
C ASP A 251 -0.93 13.69 6.14
N GLU A 252 -1.10 13.94 4.84
CA GLU A 252 -2.38 14.36 4.22
C GLU A 252 -3.40 13.21 4.35
N VAL A 253 -2.99 11.94 4.17
CA VAL A 253 -3.94 10.80 4.34
C VAL A 253 -4.51 10.85 5.76
N VAL A 254 -3.68 11.09 6.76
CA VAL A 254 -4.15 11.14 8.17
C VAL A 254 -5.10 12.33 8.36
N ALA A 255 -4.77 13.50 7.80
CA ALA A 255 -5.59 14.73 7.95
C ALA A 255 -6.97 14.50 7.31
N LEU A 256 -7.01 13.78 6.19
CA LEU A 256 -8.25 13.58 5.40
C LEU A 256 -9.10 12.42 5.93
N GLN A 257 -8.49 11.30 6.32
CA GLN A 257 -9.17 9.99 6.53
C GLN A 257 -9.17 9.56 8.00
N GLY A 258 -8.40 10.24 8.85
CA GLY A 258 -8.33 9.90 10.29
C GLY A 258 -9.42 10.62 11.07
N SER A 259 -10.03 9.91 12.02
CA SER A 259 -10.86 10.53 13.08
C SER A 259 -10.00 11.58 13.79
N PRO A 260 -10.60 12.57 14.48
CA PRO A 260 -9.82 13.49 15.31
C PRO A 260 -9.01 12.72 16.39
N THR A 261 -9.57 11.64 16.92
CA THR A 261 -8.85 10.75 17.90
C THR A 261 -7.57 10.21 17.27
N CYS A 262 -7.68 9.66 16.07
CA CYS A 262 -6.52 9.14 15.28
C CYS A 262 -5.52 10.27 15.03
N GLN A 263 -5.99 11.44 14.60
CA GLN A 263 -5.10 12.55 14.19
C GLN A 263 -4.34 13.05 15.42
N VAL A 264 -5.03 13.20 16.55
CA VAL A 264 -4.38 13.69 17.80
C VAL A 264 -3.30 12.67 18.21
N GLY A 265 -3.60 11.37 18.17
CA GLY A 265 -2.63 10.32 18.55
C GLY A 265 -1.44 10.29 17.60
N TYR A 266 -1.70 10.34 16.29
CA TYR A 266 -0.64 10.35 15.25
C TYR A 266 0.31 11.54 15.47
N HIS A 267 -0.23 12.73 15.66
CA HIS A 267 0.60 13.96 15.81
C HIS A 267 1.21 14.06 17.22
N ARG A 268 0.83 13.20 18.16
CA ARG A 268 1.54 13.17 19.47
C ARG A 268 2.96 12.65 19.23
N TRP A 269 3.15 11.76 18.24
CA TRP A 269 4.42 11.01 18.04
C TRP A 269 5.07 11.28 16.68
N ARG A 270 4.35 11.86 15.71
CA ARG A 270 4.91 12.13 14.34
C ARG A 270 6.19 12.94 14.48
N GLY A 271 7.26 12.46 13.83
CA GLY A 271 8.57 13.12 13.83
C GLY A 271 9.34 12.90 15.12
N ARG A 272 8.87 12.01 15.99
CA ARG A 272 9.44 11.85 17.35
C ARG A 272 9.71 10.38 17.68
N THR A 273 9.37 9.41 16.83
CA THR A 273 9.40 7.96 17.20
C THR A 273 10.81 7.37 17.16
N LEU A 274 11.71 7.88 16.33
CA LEU A 274 12.96 7.13 16.02
C LEU A 274 14.16 7.83 16.65
N PRO A 275 15.04 7.06 17.33
CA PRO A 275 16.29 7.61 17.83
C PRO A 275 17.29 7.71 16.68
N THR A 276 18.45 8.34 16.94
CA THR A 276 19.50 8.62 15.93
C THR A 276 20.08 7.31 15.37
N ALA A 277 19.99 6.18 16.09
CA ALA A 277 20.56 4.89 15.62
C ALA A 277 19.95 4.50 14.27
N VAL A 278 18.71 4.91 13.97
CA VAL A 278 18.04 4.52 12.69
C VAL A 278 18.72 5.21 11.50
N ARG A 279 18.85 6.54 11.52
CA ARG A 279 19.52 7.28 10.42
C ARG A 279 21.02 6.87 10.34
N GLU A 280 21.66 6.55 11.46
CA GLU A 280 23.07 6.07 11.47
C GLU A 280 23.17 4.70 10.80
N LEU A 281 22.19 3.82 10.99
CA LEU A 281 22.22 2.50 10.33
C LEU A 281 21.97 2.68 8.82
N ALA A 282 21.03 3.56 8.45
CA ALA A 282 20.77 3.91 7.03
C ALA A 282 22.07 4.35 6.34
N ALA A 283 22.87 5.19 6.99
CA ALA A 283 24.17 5.68 6.45
C ALA A 283 25.15 4.51 6.31
N ARG A 284 25.15 3.57 7.27
CA ARG A 284 26.02 2.35 7.27
C ARG A 284 25.67 1.46 6.07
N VAL A 285 24.38 1.30 5.76
CA VAL A 285 23.91 0.48 4.63
C VAL A 285 24.37 1.15 3.33
N LEU A 286 24.24 2.47 3.25
CA LEU A 286 24.67 3.24 2.07
C LEU A 286 26.20 3.11 1.89
N ASP A 287 26.98 3.17 2.98
CA ASP A 287 28.45 2.96 2.93
C ASP A 287 28.75 1.58 2.33
N GLN A 288 28.04 0.54 2.77
CA GLN A 288 28.25 -0.86 2.28
C GLN A 288 27.95 -0.95 0.79
N ILE A 289 26.91 -0.23 0.34
CA ILE A 289 26.50 -0.21 -1.09
C ILE A 289 27.54 0.56 -1.92
N GLU A 290 27.87 1.79 -1.52
CA GLU A 290 28.73 2.69 -2.34
C GLU A 290 30.15 2.14 -2.42
N GLY A 291 30.62 1.48 -1.37
CA GLY A 291 32.05 1.06 -1.24
C GLY A 291 32.35 -0.31 -1.81
N GLY A 292 31.34 -1.06 -2.31
CA GLY A 292 31.52 -2.37 -2.98
C GLY A 292 31.31 -3.57 -2.07
N ASP A 293 31.06 -3.38 -0.78
CA ASP A 293 30.91 -4.49 0.20
C ASP A 293 29.68 -5.33 -0.18
N PHE A 294 28.55 -4.69 -0.48
CA PHE A 294 27.36 -5.48 -0.86
C PHE A 294 27.61 -6.25 -2.16
N SER A 295 28.23 -5.60 -3.14
CA SER A 295 28.52 -6.24 -4.45
C SER A 295 29.35 -7.51 -4.24
N ALA A 296 30.36 -7.49 -3.38
CA ALA A 296 31.18 -8.68 -3.03
C ALA A 296 30.31 -9.73 -2.34
N TYR A 297 29.44 -9.32 -1.41
CA TYR A 297 28.50 -10.23 -0.69
C TYR A 297 27.56 -10.91 -1.70
N LEU A 298 27.01 -10.13 -2.62
CA LEU A 298 26.07 -10.66 -3.65
C LEU A 298 26.75 -11.73 -4.49
N LYS A 299 28.00 -11.50 -4.91
CA LYS A 299 28.75 -12.48 -5.74
C LYS A 299 28.92 -13.78 -4.95
N GLU A 300 29.25 -13.68 -3.66
CA GLU A 300 29.39 -14.86 -2.76
C GLU A 300 28.04 -15.59 -2.69
N GLN A 301 26.94 -14.86 -2.52
CA GLN A 301 25.59 -15.44 -2.30
C GLN A 301 25.09 -16.13 -3.57
N ALA A 302 25.50 -15.65 -4.75
CA ALA A 302 25.07 -16.22 -6.04
C ALA A 302 25.69 -17.61 -6.24
N SER A 303 26.59 -18.04 -5.33
CA SER A 303 27.22 -19.39 -5.30
C SER A 303 26.16 -20.48 -5.10
N ASN A 304 26.34 -21.60 -5.81
CA ASN A 304 25.44 -22.78 -5.73
C ASN A 304 24.01 -22.26 -5.97
N ASP A 305 23.86 -21.32 -6.91
CA ASP A 305 22.53 -20.86 -7.39
C ASP A 305 21.73 -20.34 -6.19
N TYR A 306 22.35 -19.52 -5.34
CA TYR A 306 21.67 -18.72 -4.27
C TYR A 306 21.18 -19.67 -3.17
N ALA A 307 21.94 -20.71 -2.85
CA ALA A 307 21.56 -21.72 -1.83
C ALA A 307 21.18 -21.00 -0.53
N SER A 308 22.01 -20.07 -0.06
CA SER A 308 21.83 -19.38 1.25
C SER A 308 20.50 -18.59 1.26
N LEU A 309 20.19 -17.92 0.16
CA LEU A 309 18.91 -17.17 0.00
C LEU A 309 17.73 -18.14 0.09
N ASP A 310 17.79 -19.29 -0.58
CA ASP A 310 16.72 -20.33 -0.47
C ASP A 310 16.51 -20.68 1.02
N ASP A 311 17.59 -20.90 1.79
CA ASP A 311 17.50 -21.20 3.25
C ASP A 311 16.80 -20.05 3.97
N ALA A 312 17.19 -18.79 3.72
CA ALA A 312 16.61 -17.60 4.38
C ALA A 312 15.11 -17.47 4.04
N ARG A 313 14.76 -17.68 2.78
CA ARG A 313 13.35 -17.60 2.32
C ARG A 313 12.50 -18.62 3.11
N ARG A 314 12.90 -19.88 3.12
CA ARG A 314 12.20 -20.99 3.84
C ARG A 314 12.08 -20.65 5.33
N ALA A 315 13.17 -20.19 5.95
CA ALA A 315 13.20 -19.87 7.40
C ALA A 315 12.21 -18.73 7.69
N ALA A 316 12.12 -17.73 6.82
CA ALA A 316 11.27 -16.53 7.05
C ALA A 316 9.79 -16.94 7.10
N LEU A 317 9.37 -17.98 6.36
CA LEU A 317 7.97 -18.46 6.32
C LEU A 317 7.48 -18.91 7.70
N LYS A 318 8.40 -19.36 8.56
CA LYS A 318 8.07 -19.94 9.89
C LYS A 318 8.18 -18.89 11.00
N ARG A 319 8.59 -17.66 10.71
CA ARG A 319 8.62 -16.58 11.74
C ARG A 319 7.19 -16.38 12.25
N PRO A 320 7.00 -16.06 13.56
CA PRO A 320 5.67 -15.80 14.11
C PRO A 320 4.76 -14.93 13.24
N LEU A 321 5.29 -13.85 12.67
CA LEU A 321 4.47 -12.94 11.82
C LEU A 321 3.85 -13.72 10.66
N ASN A 322 4.62 -14.61 10.04
CA ASN A 322 4.18 -15.33 8.82
C ASN A 322 3.30 -16.53 9.22
N VAL A 323 3.54 -17.14 10.38
CA VAL A 323 2.59 -18.17 10.91
C VAL A 323 1.25 -17.49 11.19
N ALA A 324 1.25 -16.32 11.84
CA ALA A 324 0.02 -15.53 12.12
C ALA A 324 -0.60 -15.11 10.79
N HIS A 325 0.20 -14.69 9.81
CA HIS A 325 -0.35 -14.34 8.47
C HIS A 325 -1.21 -15.47 7.93
N ALA A 326 -0.71 -16.71 7.93
CA ALA A 326 -1.43 -17.87 7.34
C ALA A 326 -2.76 -18.08 8.09
N GLN A 327 -2.76 -17.94 9.42
CA GLN A 327 -3.98 -18.11 10.26
C GLN A 327 -4.99 -17.03 9.90
N VAL A 328 -4.54 -15.78 9.76
CA VAL A 328 -5.45 -14.65 9.44
C VAL A 328 -6.02 -14.84 8.02
N ARG A 329 -5.16 -15.18 7.06
CA ARG A 329 -5.58 -15.22 5.64
C ARG A 329 -6.56 -16.37 5.41
N ALA A 330 -6.50 -17.45 6.22
CA ALA A 330 -7.44 -18.59 6.15
C ALA A 330 -8.79 -18.21 6.76
N ALA A 331 -8.82 -17.22 7.67
CA ALA A 331 -10.03 -16.84 8.45
C ALA A 331 -10.73 -15.58 7.88
N PHE A 332 -10.00 -14.74 7.15
CA PHE A 332 -10.52 -13.47 6.59
C PHE A 332 -10.28 -13.43 5.09
N ARG A 333 -11.32 -13.13 4.34
CA ARG A 333 -11.22 -13.01 2.87
C ARG A 333 -10.62 -11.62 2.56
N PHE A 334 -9.63 -11.60 1.66
CA PHE A 334 -8.95 -10.36 1.24
C PHE A 334 -9.36 -10.04 -0.19
N PRO A 335 -9.68 -8.76 -0.53
CA PRO A 335 -10.05 -8.42 -1.89
C PRO A 335 -8.86 -8.60 -2.83
N THR A 336 -8.99 -9.47 -3.83
CA THR A 336 -7.98 -9.68 -4.88
C THR A 336 -8.67 -9.60 -6.24
N GLU A 337 -7.88 -9.31 -7.29
CA GLU A 337 -8.32 -9.36 -8.71
C GLU A 337 -7.71 -10.63 -9.31
N ALA A 338 -8.46 -11.35 -10.13
CA ALA A 338 -7.98 -12.56 -10.83
C ALA A 338 -6.73 -12.21 -11.64
N ALA A 339 -5.70 -13.06 -11.58
CA ALA A 339 -4.41 -12.87 -12.29
C ALA A 339 -4.29 -13.82 -13.48
N GLY A 340 -5.23 -14.76 -13.67
CA GLY A 340 -5.15 -15.76 -14.75
C GLY A 340 -5.12 -15.08 -16.11
N GLY A 341 -4.08 -15.33 -16.91
CA GLY A 341 -4.00 -14.80 -18.28
C GLY A 341 -3.58 -13.34 -18.34
N LEU A 342 -3.10 -12.76 -17.22
CA LEU A 342 -2.73 -11.33 -17.13
C LEU A 342 -1.69 -10.98 -18.20
N TYR A 343 -0.79 -11.91 -18.53
CA TYR A 343 0.37 -11.65 -19.43
C TYR A 343 0.10 -12.22 -20.82
N GLN A 344 -1.10 -12.76 -21.07
CA GLN A 344 -1.53 -13.16 -22.44
C GLN A 344 -1.79 -11.87 -23.24
N ALA A 345 -1.88 -12.00 -24.55
CA ALA A 345 -2.23 -10.87 -25.44
C ALA A 345 -3.53 -10.25 -24.87
N ALA A 346 -3.67 -8.93 -24.92
CA ALA A 346 -4.84 -8.24 -24.32
C ALA A 346 -5.51 -7.36 -25.37
N GLN A 347 -6.18 -7.97 -26.33
CA GLN A 347 -7.02 -7.25 -27.31
CA GLN A 347 -6.99 -7.23 -27.32
C GLN A 347 -8.10 -6.52 -26.53
N ALA A 348 -8.31 -5.22 -26.79
CA ALA A 348 -9.28 -4.36 -26.07
C ALA A 348 -10.47 -4.04 -26.95
N PRO A 349 -11.71 -4.14 -26.41
CA PRO A 349 -12.90 -3.73 -27.15
C PRO A 349 -13.02 -2.20 -27.24
N ALA A 350 -13.94 -1.75 -28.10
CA ALA A 350 -14.18 -0.32 -28.38
C ALA A 350 -14.43 0.48 -27.10
N ASP A 351 -15.16 -0.08 -26.14
CA ASP A 351 -15.46 0.64 -24.88
C ASP A 351 -14.16 0.94 -24.11
N VAL A 352 -13.22 -0.01 -24.13
CA VAL A 352 -11.90 0.17 -23.43
C VAL A 352 -11.00 1.05 -24.29
N ASP B 8 -11.60 -18.15 18.25
CA ASP B 8 -12.16 -16.87 17.71
C ASP B 8 -13.49 -17.12 16.99
N LEU B 9 -14.42 -16.18 17.14
CA LEU B 9 -15.72 -16.19 16.42
C LEU B 9 -15.61 -15.17 15.29
N ILE B 10 -15.60 -15.66 14.04
CA ILE B 10 -15.47 -14.81 12.82
C ILE B 10 -16.67 -15.10 11.94
N TYR B 11 -17.40 -14.05 11.61
CA TYR B 11 -18.67 -14.09 10.84
C TYR B 11 -18.41 -13.57 9.43
N GLN B 12 -18.75 -14.38 8.44
CA GLN B 12 -18.73 -13.97 7.01
C GLN B 12 -20.19 -13.94 6.53
N ASP B 13 -20.44 -13.74 5.23
CA ASP B 13 -21.81 -13.55 4.69
C ASP B 13 -22.71 -14.73 5.05
N GLU B 14 -22.17 -15.96 5.05
CA GLU B 14 -22.91 -17.22 5.36
C GLU B 14 -23.46 -17.17 6.80
N HIS B 15 -22.95 -16.29 7.65
CA HIS B 15 -23.26 -16.27 9.11
C HIS B 15 -24.09 -15.03 9.49
N ALA B 16 -24.63 -14.30 8.50
CA ALA B 16 -25.37 -13.04 8.76
C ALA B 16 -26.41 -12.87 7.67
N SER B 17 -27.41 -12.05 7.94
CA SER B 17 -28.56 -11.87 7.01
C SER B 17 -29.10 -10.45 7.16
N LEU B 18 -29.80 -9.94 6.14
CA LEU B 18 -30.46 -8.62 6.21
C LEU B 18 -31.84 -8.75 6.85
N GLN B 19 -32.30 -9.97 7.16
CA GLN B 19 -33.68 -10.22 7.69
C GLN B 19 -33.92 -9.35 8.92
N PRO B 20 -32.99 -9.23 9.89
CA PRO B 20 -33.25 -8.40 11.07
C PRO B 20 -33.46 -6.91 10.78
N LEU B 21 -33.17 -6.44 9.56
CA LEU B 21 -33.35 -5.00 9.21
C LEU B 21 -34.69 -4.77 8.50
N GLU B 22 -35.44 -5.83 8.20
CA GLU B 22 -36.73 -5.70 7.50
C GLU B 22 -37.67 -4.81 8.35
N GLY B 23 -38.22 -3.76 7.75
CA GLY B 23 -39.15 -2.83 8.39
C GLY B 23 -38.50 -1.91 9.41
N ARG B 24 -37.17 -1.91 9.52
CA ARG B 24 -36.45 -1.09 10.52
C ARG B 24 -35.74 0.08 9.82
N THR B 25 -35.61 1.17 10.55
CA THR B 25 -34.92 2.41 10.11
C THR B 25 -33.61 2.52 10.89
N VAL B 26 -32.51 2.73 10.16
CA VAL B 26 -31.18 3.02 10.75
C VAL B 26 -30.94 4.53 10.69
N ALA B 27 -30.65 5.14 11.85
CA ALA B 27 -30.21 6.54 11.96
C ALA B 27 -28.69 6.53 12.00
N VAL B 28 -28.07 7.10 10.97
CA VAL B 28 -26.60 7.33 10.95
C VAL B 28 -26.40 8.71 11.56
N ILE B 29 -25.73 8.78 12.71
CA ILE B 29 -25.44 10.06 13.41
C ILE B 29 -24.03 10.46 12.99
N GLY B 30 -23.94 11.52 12.22
CA GLY B 30 -22.68 11.98 11.61
C GLY B 30 -22.61 11.52 10.16
N TYR B 31 -21.95 12.30 9.34
CA TYR B 31 -21.85 12.02 7.89
C TYR B 31 -20.42 12.31 7.47
N GLY B 32 -19.50 11.91 8.34
CA GLY B 32 -18.05 12.08 8.15
C GLY B 32 -17.45 10.90 7.44
N ILE B 33 -16.21 10.59 7.75
CA ILE B 33 -15.41 9.55 7.04
C ILE B 33 -16.18 8.23 7.12
N GLN B 34 -16.61 7.82 8.32
CA GLN B 34 -17.37 6.55 8.50
C GLN B 34 -18.86 6.78 8.17
N GLY B 35 -19.48 7.86 8.68
CA GLY B 35 -20.94 8.05 8.52
C GLY B 35 -21.35 8.04 7.06
N ARG B 36 -20.58 8.71 6.20
CA ARG B 36 -20.92 8.80 4.77
C ARG B 36 -20.90 7.39 4.14
N ALA B 37 -19.91 6.57 4.50
CA ALA B 37 -19.73 5.21 3.92
C ALA B 37 -20.86 4.30 4.41
N PHE B 38 -21.19 4.34 5.71
CA PHE B 38 -22.30 3.54 6.29
C PHE B 38 -23.60 3.95 5.61
N ALA B 39 -23.87 5.25 5.49
CA ALA B 39 -25.13 5.76 4.92
C ALA B 39 -25.25 5.27 3.47
N ALA B 40 -24.18 5.39 2.69
CA ALA B 40 -24.19 5.05 1.25
C ALA B 40 -24.43 3.55 1.07
N ASN B 41 -23.69 2.72 1.81
CA ASN B 41 -23.76 1.24 1.66
C ASN B 41 -25.11 0.74 2.20
N LEU B 42 -25.58 1.26 3.34
CA LEU B 42 -26.91 0.85 3.87
C LEU B 42 -27.98 1.12 2.81
N ARG B 43 -27.98 2.31 2.21
CA ARG B 43 -29.01 2.68 1.20
C ARG B 43 -28.93 1.72 0.00
N ASP B 44 -27.73 1.46 -0.50
CA ASP B 44 -27.56 0.62 -1.71
C ASP B 44 -27.95 -0.83 -1.37
N SER B 45 -27.88 -1.24 -0.10
CA SER B 45 -28.26 -2.60 0.36
C SER B 45 -29.78 -2.72 0.59
N GLY B 46 -30.55 -1.65 0.33
CA GLY B 46 -32.02 -1.63 0.50
C GLY B 46 -32.45 -1.47 1.95
N VAL B 47 -31.62 -0.88 2.80
CA VAL B 47 -31.97 -0.60 4.22
C VAL B 47 -32.49 0.83 4.32
N ALA B 48 -33.58 1.03 5.06
CA ALA B 48 -34.14 2.38 5.30
C ALA B 48 -33.14 3.13 6.18
N VAL B 49 -32.66 4.28 5.73
CA VAL B 49 -31.59 5.03 6.42
C VAL B 49 -31.98 6.51 6.45
N ARG B 50 -31.67 7.15 7.57
CA ARG B 50 -31.76 8.61 7.70
C ARG B 50 -30.52 9.07 8.42
N VAL B 51 -30.20 10.35 8.25
CA VAL B 51 -28.97 10.97 8.79
C VAL B 51 -29.37 12.01 9.83
N GLY B 52 -28.76 11.94 11.01
CA GLY B 52 -28.82 12.97 12.07
C GLY B 52 -27.50 13.70 12.13
N ASN B 53 -27.52 15.02 12.02
CA ASN B 53 -26.27 15.82 11.94
C ASN B 53 -26.54 17.22 12.47
N ILE B 54 -25.51 17.85 13.04
CA ILE B 54 -25.57 19.26 13.50
C ILE B 54 -25.53 20.17 12.26
N ASP B 55 -25.64 21.47 12.48
CA ASP B 55 -25.68 22.49 11.40
C ASP B 55 -24.25 22.79 10.95
N ASP B 56 -23.71 21.98 10.03
CA ASP B 56 -22.34 22.21 9.49
C ASP B 56 -22.32 21.71 8.04
N ARG B 57 -21.15 21.67 7.41
CA ARG B 57 -21.04 21.33 5.97
C ARG B 57 -21.53 19.90 5.72
N TYR B 58 -21.40 19.00 6.70
CA TYR B 58 -21.75 17.57 6.53
C TYR B 58 -23.27 17.41 6.37
N PHE B 59 -24.06 18.25 7.05
CA PHE B 59 -25.54 18.27 6.90
C PHE B 59 -25.88 18.53 5.43
N GLU B 60 -25.29 19.57 4.85
CA GLU B 60 -25.54 19.97 3.44
C GLU B 60 -25.06 18.85 2.50
N LEU B 61 -23.95 18.20 2.81
CA LEU B 61 -23.40 17.14 1.92
C LEU B 61 -24.39 15.97 1.90
N ALA B 62 -24.94 15.62 3.06
CA ALA B 62 -25.90 14.49 3.17
C ALA B 62 -27.15 14.83 2.34
N ARG B 63 -27.61 16.09 2.38
CA ARG B 63 -28.75 16.56 1.57
C ARG B 63 -28.39 16.46 0.08
N ALA B 64 -27.21 16.91 -0.30
CA ALA B 64 -26.71 16.90 -1.69
C ALA B 64 -26.65 15.46 -2.22
N GLU B 65 -26.46 14.47 -1.33
CA GLU B 65 -26.30 13.03 -1.69
C GLU B 65 -27.63 12.28 -1.48
N GLY B 66 -28.74 13.02 -1.39
CA GLY B 66 -30.11 12.50 -1.50
C GLY B 66 -30.66 11.89 -0.21
N HIS B 67 -30.02 12.14 0.94
CA HIS B 67 -30.44 11.55 2.23
C HIS B 67 -31.56 12.38 2.88
N ARG B 68 -32.32 11.71 3.75
CA ARG B 68 -33.27 12.34 4.70
C ARG B 68 -32.43 12.81 5.89
N VAL B 69 -32.26 14.13 6.03
CA VAL B 69 -31.32 14.71 7.03
C VAL B 69 -32.12 15.58 7.99
N THR B 70 -31.86 15.42 9.29
CA THR B 70 -32.47 16.21 10.39
C THR B 70 -31.43 16.42 11.47
N ASN B 71 -31.78 17.15 12.53
CA ASN B 71 -30.93 17.22 13.75
C ASN B 71 -30.84 15.80 14.34
N ILE B 72 -29.93 15.60 15.28
CA ILE B 72 -29.61 14.26 15.83
C ILE B 72 -30.81 13.70 16.63
N ALA B 73 -31.40 14.48 17.53
CA ALA B 73 -32.56 14.06 18.37
C ALA B 73 -33.69 13.49 17.49
N GLU B 74 -34.06 14.18 16.41
CA GLU B 74 -35.16 13.79 15.50
C GLU B 74 -34.80 12.49 14.78
N ALA B 75 -33.53 12.32 14.37
CA ALA B 75 -33.08 11.08 13.70
C ALA B 75 -33.25 9.90 14.66
N VAL B 76 -32.76 10.07 15.89
CA VAL B 76 -32.79 9.02 16.94
C VAL B 76 -34.25 8.67 17.25
N ALA B 77 -35.13 9.67 17.36
CA ALA B 77 -36.53 9.45 17.79
C ALA B 77 -37.24 8.60 16.73
N HIS B 78 -36.76 8.60 15.48
CA HIS B 78 -37.43 7.90 14.35
C HIS B 78 -36.60 6.68 13.89
N ALA B 79 -35.77 6.11 14.77
CA ALA B 79 -34.85 5.01 14.39
C ALA B 79 -35.00 3.79 15.30
N ASP B 80 -34.78 2.60 14.73
CA ASP B 80 -34.71 1.31 15.45
C ASP B 80 -33.27 0.97 15.82
N ILE B 81 -32.33 1.41 14.99
CA ILE B 81 -30.87 1.22 15.20
C ILE B 81 -30.20 2.57 14.98
N VAL B 82 -29.30 2.93 15.89
CA VAL B 82 -28.59 4.24 15.89
C VAL B 82 -27.09 3.97 15.79
N LEU B 83 -26.42 4.50 14.78
CA LEU B 83 -24.94 4.40 14.62
C LEU B 83 -24.31 5.76 14.98
N LEU B 84 -23.53 5.82 16.06
CA LEU B 84 -22.93 7.08 16.56
C LEU B 84 -21.57 7.27 15.89
N LEU B 85 -21.56 7.89 14.72
CA LEU B 85 -20.35 8.04 13.87
C LEU B 85 -19.92 9.51 13.84
N ILE B 86 -19.62 10.03 15.02
CA ILE B 86 -18.99 11.37 15.22
C ILE B 86 -17.73 11.17 16.05
N PRO B 87 -16.86 12.20 16.11
CA PRO B 87 -15.63 12.10 16.89
C PRO B 87 -15.92 11.66 18.34
N ASP B 88 -15.01 10.83 18.85
CA ASP B 88 -15.19 10.13 20.15
C ASP B 88 -15.37 11.14 21.29
N GLU B 89 -14.60 12.24 21.33
CA GLU B 89 -14.74 13.21 22.45
C GLU B 89 -16.11 13.87 22.43
N ALA B 90 -16.82 13.87 21.29
CA ALA B 90 -18.17 14.48 21.23
C ALA B 90 -19.25 13.49 21.72
N HIS B 91 -18.93 12.21 21.95
CA HIS B 91 -19.96 11.17 22.27
C HIS B 91 -20.75 11.53 23.54
N GLY B 92 -20.05 11.92 24.61
CA GLY B 92 -20.67 12.13 25.94
C GLY B 92 -21.84 13.11 25.87
N ALA B 93 -21.60 14.33 25.39
CA ALA B 93 -22.62 15.40 25.30
C ALA B 93 -23.76 14.97 24.38
N VAL B 94 -23.44 14.40 23.22
CA VAL B 94 -24.50 14.00 22.22
C VAL B 94 -25.32 12.84 22.83
N PHE B 95 -24.66 11.90 23.51
CA PHE B 95 -25.34 10.75 24.16
C PHE B 95 -26.33 11.27 25.21
N ASP B 96 -25.87 12.14 26.11
CA ASP B 96 -26.68 12.63 27.26
C ASP B 96 -27.85 13.51 26.76
N VAL B 97 -27.61 14.39 25.79
CA VAL B 97 -28.60 15.43 25.40
C VAL B 97 -29.50 14.93 24.27
N ASP B 98 -28.94 14.29 23.24
CA ASP B 98 -29.63 14.00 21.97
C ASP B 98 -30.07 12.52 21.88
N ILE B 99 -29.27 11.58 22.39
CA ILE B 99 -29.52 10.14 22.11
C ILE B 99 -30.35 9.52 23.24
N ALA B 100 -29.83 9.48 24.46
CA ALA B 100 -30.44 8.74 25.60
C ALA B 100 -31.91 9.12 25.77
N PRO B 101 -32.29 10.42 25.75
CA PRO B 101 -33.70 10.80 25.93
C PRO B 101 -34.64 10.35 24.81
N ASN B 102 -34.12 9.97 23.64
CA ASN B 102 -34.92 9.74 22.41
C ASN B 102 -34.81 8.30 21.89
N LEU B 103 -33.96 7.48 22.52
CA LEU B 103 -33.73 6.08 22.08
C LEU B 103 -34.96 5.25 22.48
N ARG B 104 -35.64 4.68 21.49
CA ARG B 104 -36.87 3.86 21.68
C ARG B 104 -36.54 2.60 22.49
N ASP B 105 -37.53 2.07 23.21
CA ASP B 105 -37.42 0.75 23.89
C ASP B 105 -37.00 -0.31 22.87
N GLY B 106 -36.03 -1.15 23.21
CA GLY B 106 -35.55 -2.21 22.30
C GLY B 106 -34.68 -1.70 21.16
N ALA B 107 -34.40 -0.40 21.06
CA ALA B 107 -33.50 0.14 20.02
C ALA B 107 -32.07 -0.30 20.32
N LEU B 108 -31.24 -0.38 19.27
CA LEU B 108 -29.80 -0.73 19.34
C LEU B 108 -28.99 0.53 19.08
N LEU B 109 -28.04 0.84 19.96
CA LEU B 109 -27.04 1.91 19.75
C LEU B 109 -25.70 1.22 19.48
N CYS B 110 -25.02 1.60 18.40
CA CYS B 110 -23.68 1.09 18.03
C CYS B 110 -22.67 2.23 18.02
N VAL B 111 -21.46 1.94 18.50
CA VAL B 111 -20.27 2.80 18.29
C VAL B 111 -19.28 2.05 17.41
N ALA B 112 -18.38 2.79 16.75
CA ALA B 112 -17.38 2.20 15.82
C ALA B 112 -15.98 2.21 16.42
N HIS B 113 -15.89 2.44 17.72
CA HIS B 113 -14.62 2.48 18.50
C HIS B 113 -15.00 2.34 19.96
N GLY B 114 -14.18 1.63 20.73
CA GLY B 114 -14.50 1.33 22.14
C GLY B 114 -14.27 2.48 23.10
N HIS B 115 -13.67 3.61 22.65
CA HIS B 115 -13.06 4.59 23.58
C HIS B 115 -14.13 5.21 24.50
N SER B 116 -15.28 5.59 23.95
CA SER B 116 -16.34 6.26 24.75
C SER B 116 -16.96 5.26 25.74
N LEU B 117 -16.93 3.95 25.42
CA LEU B 117 -17.41 2.88 26.34
C LEU B 117 -16.42 2.73 27.50
N VAL B 118 -15.13 2.70 27.22
CA VAL B 118 -14.06 2.60 28.27
C VAL B 118 -14.20 3.79 29.22
N GLN B 119 -14.43 5.00 28.69
CA GLN B 119 -14.45 6.25 29.51
C GLN B 119 -15.81 6.43 30.22
N GLY B 120 -16.82 5.63 29.89
CA GLY B 120 -18.16 5.75 30.49
C GLY B 120 -18.95 6.94 29.93
N ASP B 121 -18.54 7.47 28.77
CA ASP B 121 -19.26 8.60 28.13
C ASP B 121 -20.48 8.07 27.36
N VAL B 122 -20.42 6.81 26.92
CA VAL B 122 -21.59 6.03 26.40
C VAL B 122 -21.77 4.83 27.32
N ARG B 123 -23.01 4.57 27.76
CA ARG B 123 -23.33 3.60 28.83
C ARG B 123 -24.57 2.81 28.41
N PRO B 124 -24.72 1.57 28.88
CA PRO B 124 -25.94 0.82 28.69
C PRO B 124 -27.14 1.59 29.29
N LEU B 125 -28.27 1.51 28.60
CA LEU B 125 -29.56 2.10 29.04
C LEU B 125 -30.54 0.96 29.30
N PRO B 126 -31.31 1.00 30.41
CA PRO B 126 -32.36 -0.01 30.64
C PRO B 126 -33.27 -0.12 29.42
N GLY B 127 -33.58 -1.35 29.00
CA GLY B 127 -34.57 -1.61 27.93
C GLY B 127 -33.96 -1.50 26.54
N ARG B 128 -32.66 -1.22 26.43
CA ARG B 128 -32.01 -0.96 25.12
C ARG B 128 -30.76 -1.81 24.94
N ASP B 129 -30.32 -1.93 23.68
CA ASP B 129 -29.14 -2.73 23.30
C ASP B 129 -27.97 -1.78 23.01
N LEU B 130 -26.74 -2.21 23.29
CA LEU B 130 -25.51 -1.41 23.05
C LEU B 130 -24.44 -2.32 22.45
N ALA B 131 -23.79 -1.88 21.37
CA ALA B 131 -22.76 -2.70 20.70
C ALA B 131 -21.69 -1.81 20.07
N MET B 132 -20.57 -2.45 19.76
CA MET B 132 -19.46 -1.88 18.96
C MET B 132 -19.41 -2.67 17.64
N LEU B 133 -19.35 -1.94 16.52
CA LEU B 133 -18.99 -2.50 15.19
C LEU B 133 -17.89 -1.58 14.66
N ALA B 134 -16.64 -2.02 14.75
CA ALA B 134 -15.44 -1.17 14.53
C ALA B 134 -14.73 -1.64 13.25
N PRO B 135 -14.93 -0.93 12.12
CA PRO B 135 -14.23 -1.26 10.87
C PRO B 135 -12.70 -1.12 10.99
N ARG B 136 -11.96 -1.99 10.30
CA ARG B 136 -10.47 -2.00 10.25
C ARG B 136 -10.00 -1.28 8.97
N MET B 137 -10.64 -0.16 8.63
CA MET B 137 -10.44 0.52 7.33
C MET B 137 -11.13 1.88 7.39
N TYR B 138 -10.61 2.87 6.65
CA TYR B 138 -11.25 4.20 6.55
C TYR B 138 -12.32 4.18 5.43
N GLY B 139 -13.07 5.29 5.26
CA GLY B 139 -14.35 5.28 4.52
C GLY B 139 -14.24 5.02 3.02
N ASP B 140 -13.37 5.75 2.31
CA ASP B 140 -13.28 5.66 0.83
C ASP B 140 -13.08 4.21 0.40
N PRO B 141 -12.11 3.45 0.96
CA PRO B 141 -11.97 2.04 0.59
C PRO B 141 -13.17 1.17 0.97
N ILE B 142 -13.83 1.45 2.11
CA ILE B 142 -15.05 0.70 2.51
C ILE B 142 -16.08 0.88 1.39
N ARG B 143 -16.20 2.10 0.90
CA ARG B 143 -17.18 2.44 -0.17
C ARG B 143 -16.75 1.77 -1.49
N ARG B 144 -15.49 1.94 -1.90
CA ARG B 144 -14.97 1.36 -3.16
C ARG B 144 -15.07 -0.18 -3.14
N TYR B 145 -14.63 -0.82 -2.05
CA TYR B 145 -14.75 -2.29 -1.89
C TYR B 145 -16.21 -2.67 -2.05
N TYR B 146 -17.12 -1.97 -1.35
CA TYR B 146 -18.56 -2.30 -1.37
C TYR B 146 -19.05 -2.38 -2.82
N LEU B 147 -18.74 -1.37 -3.62
CA LEU B 147 -19.25 -1.28 -5.02
C LEU B 147 -18.64 -2.37 -5.91
N ALA B 148 -17.50 -2.94 -5.53
CA ALA B 148 -16.80 -4.02 -6.28
C ALA B 148 -17.21 -5.39 -5.73
N GLY B 149 -18.15 -5.43 -4.77
CA GLY B 149 -18.65 -6.68 -4.16
C GLY B 149 -17.66 -7.24 -3.15
N GLN B 150 -16.82 -6.37 -2.59
CA GLN B 150 -15.75 -6.74 -1.61
C GLN B 150 -16.06 -6.03 -0.28
N GLY B 151 -15.24 -6.28 0.74
CA GLY B 151 -15.40 -5.66 2.06
C GLY B 151 -14.08 -5.63 2.79
N ALA B 152 -14.02 -4.89 3.89
CA ALA B 152 -12.88 -4.83 4.81
C ALA B 152 -13.31 -5.48 6.12
N PRO B 153 -12.35 -5.96 6.94
CA PRO B 153 -12.69 -6.59 8.21
C PRO B 153 -13.27 -5.59 9.21
N ALA B 154 -13.90 -6.11 10.25
CA ALA B 154 -14.42 -5.33 11.38
C ALA B 154 -14.33 -6.19 12.66
N TYR B 155 -14.28 -5.55 13.82
CA TYR B 155 -14.45 -6.22 15.12
C TYR B 155 -15.82 -5.85 15.71
N PHE B 156 -16.44 -6.77 16.44
CA PHE B 156 -17.73 -6.46 17.10
C PHE B 156 -17.73 -6.93 18.55
N ASP B 157 -18.55 -6.24 19.37
CA ASP B 157 -18.77 -6.63 20.78
C ASP B 157 -20.21 -6.30 21.13
N ILE B 158 -20.91 -7.23 21.77
CA ILE B 158 -22.26 -7.01 22.32
C ILE B 158 -22.11 -6.62 23.78
N VAL B 159 -22.34 -5.34 24.09
CA VAL B 159 -22.06 -4.78 25.44
C VAL B 159 -23.29 -4.99 26.33
N ALA B 160 -24.48 -4.68 25.81
CA ALA B 160 -25.76 -4.82 26.52
C ALA B 160 -26.80 -5.30 25.52
N ASP B 161 -27.57 -6.31 25.90
CA ASP B 161 -28.51 -6.99 25.00
C ASP B 161 -29.83 -7.19 25.74
N HIS B 162 -30.64 -6.15 25.88
CA HIS B 162 -31.97 -6.27 26.50
C HIS B 162 -32.86 -7.18 25.65
N THR B 163 -32.85 -6.98 24.33
CA THR B 163 -33.80 -7.67 23.40
C THR B 163 -33.44 -9.15 23.24
N GLY B 164 -32.17 -9.52 23.47
CA GLY B 164 -31.61 -10.82 23.06
C GLY B 164 -31.41 -10.93 21.56
N ARG B 165 -31.59 -9.84 20.81
CA ARG B 165 -31.44 -9.85 19.33
C ARG B 165 -30.31 -8.90 18.88
N ALA B 166 -29.48 -8.39 19.78
CA ALA B 166 -28.43 -7.40 19.43
C ALA B 166 -27.43 -8.03 18.44
N ARG B 167 -27.06 -9.29 18.63
CA ARG B 167 -25.97 -9.93 17.84
C ARG B 167 -26.40 -10.00 16.38
N ASP B 168 -27.60 -10.50 16.09
CA ASP B 168 -28.03 -10.63 14.69
C ASP B 168 -28.27 -9.22 14.09
N ARG B 169 -28.68 -8.24 14.89
CA ARG B 169 -28.92 -6.87 14.34
C ARG B 169 -27.59 -6.19 14.01
N VAL B 170 -26.59 -6.30 14.88
CA VAL B 170 -25.22 -5.79 14.62
C VAL B 170 -24.66 -6.48 13.37
N LEU B 171 -24.81 -7.79 13.25
CA LEU B 171 -24.19 -8.51 12.11
C LEU B 171 -24.97 -8.22 10.82
N ALA B 172 -26.27 -7.91 10.90
CA ALA B 172 -27.08 -7.47 9.74
C ALA B 172 -26.54 -6.14 9.20
N ILE B 173 -26.27 -5.17 10.08
CA ILE B 173 -25.63 -3.88 9.71
C ILE B 173 -24.30 -4.23 9.04
N ALA B 174 -23.49 -5.10 9.65
CA ALA B 174 -22.15 -5.45 9.13
C ALA B 174 -22.28 -6.06 7.73
N ARG B 175 -23.29 -6.89 7.48
CA ARG B 175 -23.48 -7.48 6.13
C ARG B 175 -23.91 -6.40 5.14
N ALA B 176 -24.79 -5.48 5.55
CA ALA B 176 -25.36 -4.44 4.66
C ALA B 176 -24.25 -3.46 4.23
N VAL B 177 -23.24 -3.28 5.07
CA VAL B 177 -22.15 -2.30 4.82
C VAL B 177 -20.98 -3.01 4.16
N GLY B 178 -20.92 -4.36 4.23
CA GLY B 178 -19.97 -5.18 3.46
C GLY B 178 -18.89 -5.87 4.29
N PHE B 179 -18.82 -5.65 5.60
CA PHE B 179 -17.67 -6.14 6.42
C PHE B 179 -17.65 -7.68 6.48
N THR B 180 -18.81 -8.33 6.42
CA THR B 180 -18.91 -9.81 6.45
C THR B 180 -18.30 -10.40 5.16
N ARG B 181 -18.08 -9.62 4.12
CA ARG B 181 -17.42 -10.15 2.90
C ARG B 181 -15.92 -10.45 3.16
N ALA B 182 -15.35 -9.84 4.19
CA ALA B 182 -13.97 -10.11 4.66
C ALA B 182 -14.04 -10.98 5.91
N GLY B 183 -14.75 -10.49 6.93
CA GLY B 183 -14.91 -11.21 8.21
C GLY B 183 -15.10 -10.25 9.35
N VAL B 184 -16.03 -10.57 10.23
CA VAL B 184 -16.34 -9.73 11.42
C VAL B 184 -16.03 -10.58 12.66
N MET B 185 -15.01 -10.19 13.42
CA MET B 185 -14.51 -11.03 14.54
C MET B 185 -14.95 -10.42 15.88
N ALA B 186 -15.38 -11.25 16.83
CA ALA B 186 -15.66 -10.85 18.22
C ALA B 186 -14.35 -10.37 18.85
N LEU B 187 -14.37 -9.14 19.38
CA LEU B 187 -13.24 -8.56 20.15
C LEU B 187 -13.84 -7.56 21.12
N GLY B 188 -13.46 -7.68 22.40
CA GLY B 188 -13.96 -6.79 23.46
C GLY B 188 -13.69 -5.33 23.13
N TYR B 189 -14.63 -4.46 23.46
CA TYR B 189 -14.51 -3.00 23.18
C TYR B 189 -13.24 -2.42 23.85
N ARG B 190 -12.84 -2.92 25.01
CA ARG B 190 -11.66 -2.37 25.71
C ARG B 190 -10.41 -2.72 24.90
N GLN B 191 -10.27 -3.99 24.50
CA GLN B 191 -9.12 -4.43 23.67
C GLN B 191 -9.11 -3.66 22.35
N GLU B 192 -10.26 -3.49 21.71
CA GLU B 192 -10.33 -2.76 20.41
C GLU B 192 -9.80 -1.34 20.60
N THR B 193 -10.22 -0.68 21.67
CA THR B 193 -9.80 0.70 21.98
C THR B 193 -8.28 0.76 21.99
N PHE B 194 -7.65 -0.10 22.79
CA PHE B 194 -6.18 -0.03 23.04
C PHE B 194 -5.42 -0.43 21.76
N LEU B 195 -5.89 -1.45 21.06
CA LEU B 195 -5.28 -1.93 19.80
C LEU B 195 -5.34 -0.83 18.73
N ASP B 196 -6.52 -0.25 18.53
CA ASP B 196 -6.75 0.82 17.52
C ASP B 196 -5.82 2.01 17.83
N LEU B 197 -5.81 2.50 19.06
CA LEU B 197 -5.00 3.67 19.47
C LEU B 197 -3.51 3.34 19.27
N PHE B 198 -3.07 2.11 19.56
CA PHE B 198 -1.67 1.68 19.35
C PHE B 198 -1.27 1.78 17.87
N GLN B 199 -2.12 1.36 16.95
CA GLN B 199 -1.85 1.47 15.50
C GLN B 199 -1.64 2.96 15.13
N GLU B 200 -2.40 3.87 15.77
CA GLU B 200 -2.45 5.31 15.43
C GLU B 200 -1.25 6.05 16.04
N GLN B 201 -0.78 5.59 17.22
CA GLN B 201 0.21 6.34 18.04
C GLN B 201 1.61 5.75 17.93
N PHE B 202 1.72 4.44 17.73
CA PHE B 202 3.04 3.78 17.54
C PHE B 202 3.25 3.53 16.04
N LEU B 203 2.42 2.69 15.43
CA LEU B 203 2.79 2.13 14.10
C LEU B 203 2.75 3.21 13.02
N ALA B 204 1.65 3.96 12.89
CA ALA B 204 1.49 4.91 11.76
C ALA B 204 2.60 5.97 11.83
N PRO B 205 2.86 6.63 12.96
CA PRO B 205 3.93 7.65 12.98
C PRO B 205 5.34 7.07 12.78
N ALA B 206 5.63 5.89 13.34
CA ALA B 206 6.92 5.20 13.17
C ALA B 206 7.14 4.85 11.68
N LEU B 207 6.08 4.39 11.01
CA LEU B 207 6.16 4.04 9.57
C LEU B 207 6.47 5.29 8.75
N VAL B 208 5.76 6.39 8.98
CA VAL B 208 5.99 7.63 8.19
C VAL B 208 7.36 8.20 8.59
N ASP B 209 7.72 8.14 9.87
CA ASP B 209 9.06 8.60 10.34
C ASP B 209 10.16 7.80 9.63
N LEU B 210 9.97 6.50 9.42
CA LEU B 210 10.97 5.61 8.77
C LEU B 210 11.13 6.00 7.29
N VAL B 211 10.01 6.15 6.59
CA VAL B 211 9.97 6.63 5.19
C VAL B 211 10.70 7.99 5.10
N GLU B 212 10.38 8.90 6.01
CA GLU B 212 11.01 10.24 6.03
C GLU B 212 12.52 10.15 6.30
N THR B 213 12.93 9.26 7.22
CA THR B 213 14.36 9.03 7.53
C THR B 213 15.11 8.57 6.25
N GLY B 214 14.54 7.63 5.51
CA GLY B 214 15.11 7.15 4.23
C GLY B 214 15.30 8.32 3.28
N PHE B 215 14.26 9.15 3.14
CA PHE B 215 14.27 10.33 2.25
C PHE B 215 15.41 11.27 2.67
N GLN B 216 15.47 11.63 3.95
CA GLN B 216 16.40 12.67 4.46
C GLN B 216 17.85 12.18 4.31
N VAL B 217 18.13 10.91 4.63
CA VAL B 217 19.51 10.36 4.51
C VAL B 217 19.94 10.42 3.04
N LEU B 218 19.04 10.02 2.12
CA LEU B 218 19.39 9.99 0.67
C LEU B 218 19.67 11.42 0.18
N VAL B 219 18.81 12.39 0.51
CA VAL B 219 18.96 13.79 0.04
C VAL B 219 20.28 14.36 0.60
N GLU B 220 20.52 14.16 1.89
CA GLU B 220 21.77 14.61 2.56
C GLU B 220 22.97 14.07 1.76
N ARG B 221 22.93 12.80 1.37
CA ARG B 221 24.07 12.06 0.79
C ARG B 221 24.20 12.34 -0.72
N GLY B 222 23.40 13.29 -1.24
CA GLY B 222 23.55 13.87 -2.59
C GLY B 222 22.65 13.24 -3.63
N PHE B 223 21.68 12.43 -3.23
CA PHE B 223 20.72 11.79 -4.16
C PHE B 223 19.69 12.83 -4.64
N ASN B 224 19.28 12.68 -5.90
CA ASN B 224 18.18 13.46 -6.53
C ASN B 224 16.96 13.42 -5.60
N PRO B 225 16.48 14.57 -5.05
CA PRO B 225 15.35 14.54 -4.11
C PRO B 225 14.05 13.93 -4.66
N LYS B 226 13.75 14.16 -5.94
CA LYS B 226 12.53 13.56 -6.55
C LYS B 226 12.69 12.02 -6.54
N ALA B 227 13.85 11.51 -6.94
CA ALA B 227 14.13 10.05 -6.98
C ALA B 227 14.05 9.47 -5.56
N ALA B 228 14.65 10.16 -4.58
CA ALA B 228 14.63 9.74 -3.17
C ALA B 228 13.17 9.62 -2.70
N LEU B 229 12.34 10.62 -2.99
CA LEU B 229 10.91 10.66 -2.57
C LEU B 229 10.18 9.49 -3.26
N LEU B 230 10.41 9.32 -4.56
CA LEU B 230 9.76 8.23 -5.32
C LEU B 230 10.09 6.87 -4.69
N GLU B 231 11.36 6.61 -4.37
CA GLU B 231 11.74 5.26 -3.89
C GLU B 231 11.12 4.98 -2.52
N VAL B 232 11.09 5.96 -1.60
CA VAL B 232 10.65 5.66 -0.21
C VAL B 232 9.12 5.50 -0.13
N TYR B 233 8.33 6.09 -1.03
CA TYR B 233 6.88 5.79 -1.15
C TYR B 233 6.24 6.40 -2.40
N GLY B 234 6.80 7.48 -2.97
CA GLY B 234 6.13 8.31 -4.00
C GLY B 234 5.82 7.54 -5.27
N SER B 235 6.59 6.50 -5.61
CA SER B 235 6.35 5.67 -6.82
C SER B 235 5.12 4.79 -6.66
N GLY B 236 4.66 4.61 -5.41
CA GLY B 236 3.63 3.63 -5.03
C GLY B 236 4.22 2.26 -4.75
N GLU B 237 5.51 2.04 -5.04
CA GLU B 237 6.06 0.66 -4.95
C GLU B 237 5.97 0.15 -3.51
N MET B 238 6.38 0.94 -2.53
CA MET B 238 6.41 0.44 -1.13
C MET B 238 4.97 0.26 -0.62
N GLY B 239 4.02 1.09 -1.05
CA GLY B 239 2.59 0.91 -0.74
C GLY B 239 2.03 -0.35 -1.39
N LYS B 240 2.41 -0.62 -2.64
CA LYS B 240 1.98 -1.87 -3.33
C LYS B 240 2.52 -3.08 -2.54
N MET B 241 3.77 -3.00 -2.08
CA MET B 241 4.39 -4.12 -1.33
C MET B 241 3.56 -4.38 -0.05
N MET B 242 3.17 -3.32 0.64
CA MET B 242 2.43 -3.46 1.92
C MET B 242 1.01 -3.99 1.68
N LEU B 243 0.37 -3.56 0.60
CA LEU B 243 -1.02 -3.96 0.30
C LEU B 243 -1.02 -5.38 -0.26
N ASP B 244 -0.09 -5.71 -1.15
CA ASP B 244 0.08 -7.10 -1.65
C ASP B 244 0.48 -7.99 -0.46
N GLY B 245 1.31 -7.49 0.45
CA GLY B 245 1.72 -8.21 1.67
C GLY B 245 0.50 -8.61 2.51
N ALA B 246 -0.54 -7.77 2.59
CA ALA B 246 -1.79 -8.11 3.30
C ALA B 246 -2.39 -9.39 2.70
N ASP B 247 -2.28 -9.57 1.38
CA ASP B 247 -2.74 -10.81 0.70
C ASP B 247 -1.78 -11.97 1.01
N ILE B 248 -0.50 -11.89 0.62
CA ILE B 248 0.34 -13.11 0.52
C ILE B 248 1.42 -13.18 1.61
N GLY B 249 1.65 -12.11 2.35
CA GLY B 249 2.73 -12.03 3.35
C GLY B 249 3.82 -11.09 2.86
N LEU B 250 4.42 -10.34 3.77
CA LEU B 250 5.40 -9.28 3.39
C LEU B 250 6.71 -9.90 2.89
N ASP B 251 7.24 -10.90 3.57
CA ASP B 251 8.46 -11.62 3.12
C ASP B 251 8.15 -12.32 1.79
N GLU B 252 6.92 -12.78 1.60
CA GLU B 252 6.50 -13.52 0.38
C GLU B 252 6.45 -12.55 -0.81
N VAL B 253 6.07 -11.29 -0.62
CA VAL B 253 6.12 -10.29 -1.73
C VAL B 253 7.55 -10.21 -2.25
N VAL B 254 8.52 -10.15 -1.34
CA VAL B 254 9.95 -10.05 -1.73
C VAL B 254 10.37 -11.33 -2.46
N ALA B 255 9.98 -12.51 -1.96
CA ALA B 255 10.36 -13.83 -2.53
C ALA B 255 9.80 -13.95 -3.95
N LEU B 256 8.59 -13.45 -4.18
CA LEU B 256 7.87 -13.62 -5.47
C LEU B 256 8.24 -12.54 -6.48
N GLN B 257 8.43 -11.30 -6.04
CA GLN B 257 8.44 -10.11 -6.92
C GLN B 257 9.81 -9.44 -6.96
N GLY B 258 10.72 -9.84 -6.07
CA GLY B 258 12.07 -9.24 -6.00
C GLY B 258 13.06 -9.96 -6.90
N SER B 259 13.91 -9.20 -7.59
CA SER B 259 15.11 -9.76 -8.25
C SER B 259 15.96 -10.51 -7.22
N PRO B 260 16.83 -11.47 -7.63
CA PRO B 260 17.75 -12.09 -6.68
C PRO B 260 18.64 -11.06 -5.97
N THR B 261 18.99 -9.98 -6.68
CA THR B 261 19.75 -8.85 -6.10
C THR B 261 18.96 -8.24 -4.93
N CYS B 262 17.68 -7.96 -5.15
CA CYS B 262 16.75 -7.41 -4.15
C CYS B 262 16.62 -8.38 -2.96
N GLN B 263 16.37 -9.66 -3.25
CA GLN B 263 16.12 -10.67 -2.18
C GLN B 263 17.37 -10.82 -1.31
N VAL B 264 18.56 -10.87 -1.92
CA VAL B 264 19.84 -11.05 -1.16
C VAL B 264 20.06 -9.83 -0.27
N GLY B 265 19.83 -8.61 -0.78
CA GLY B 265 19.99 -7.39 0.02
C GLY B 265 18.99 -7.34 1.17
N TYR B 266 17.73 -7.61 0.85
CA TYR B 266 16.61 -7.59 1.84
C TYR B 266 16.94 -8.56 2.99
N HIS B 267 17.32 -9.78 2.66
CA HIS B 267 17.65 -10.82 3.68
C HIS B 267 18.99 -10.57 4.36
N ARG B 268 19.86 -9.71 3.82
CA ARG B 268 21.09 -9.32 4.56
C ARG B 268 20.69 -8.53 5.81
N TRP B 269 19.61 -7.75 5.76
CA TRP B 269 19.26 -6.75 6.80
C TRP B 269 17.94 -7.07 7.51
N ARG B 270 17.13 -7.99 6.98
CA ARG B 270 15.85 -8.39 7.61
C ARG B 270 16.11 -8.84 9.05
N GLY B 271 15.38 -8.27 10.01
CA GLY B 271 15.49 -8.61 11.44
C GLY B 271 16.65 -7.90 12.10
N ARG B 272 17.35 -7.00 11.40
CA ARG B 272 18.63 -6.39 11.88
C ARG B 272 18.64 -4.86 11.78
N THR B 273 17.55 -4.21 11.33
CA THR B 273 17.58 -2.76 10.98
C THR B 273 17.28 -1.87 12.19
N LEU B 274 16.57 -2.36 13.19
CA LEU B 274 15.96 -1.47 14.22
C LEU B 274 16.69 -1.61 15.54
N PRO B 275 16.89 -0.48 16.25
CA PRO B 275 17.41 -0.52 17.61
C PRO B 275 16.34 -0.98 18.61
N THR B 276 16.79 -1.38 19.79
CA THR B 276 15.94 -1.80 20.93
C THR B 276 14.91 -0.71 21.28
N ALA B 277 15.22 0.56 20.99
CA ALA B 277 14.37 1.74 21.29
C ALA B 277 12.98 1.60 20.65
N VAL B 278 12.87 0.88 19.54
CA VAL B 278 11.57 0.79 18.80
C VAL B 278 10.60 -0.09 19.61
N ARG B 279 11.02 -1.29 19.98
CA ARG B 279 10.20 -2.20 20.85
C ARG B 279 9.91 -1.49 22.19
N GLU B 280 10.87 -0.75 22.73
CA GLU B 280 10.68 -0.04 24.03
C GLU B 280 9.61 1.06 23.88
N LEU B 281 9.66 1.83 22.78
CA LEU B 281 8.66 2.88 22.50
C LEU B 281 7.27 2.24 22.37
N ALA B 282 7.15 1.13 21.64
CA ALA B 282 5.87 0.40 21.49
C ALA B 282 5.26 0.14 22.89
N ALA B 283 6.06 -0.38 23.82
CA ALA B 283 5.61 -0.70 25.20
C ALA B 283 5.21 0.59 25.94
N ARG B 284 5.97 1.68 25.79
CA ARG B 284 5.64 2.97 26.44
C ARG B 284 4.32 3.53 25.89
N VAL B 285 4.10 3.42 24.58
CA VAL B 285 2.84 3.91 23.94
C VAL B 285 1.67 3.10 24.52
N LEU B 286 1.80 1.78 24.64
CA LEU B 286 0.74 0.94 25.26
C LEU B 286 0.52 1.35 26.73
N ASP B 287 1.58 1.67 27.48
CA ASP B 287 1.45 2.16 28.89
C ASP B 287 0.61 3.46 28.89
N GLN B 288 0.88 4.39 27.98
CA GLN B 288 0.16 5.69 27.88
C GLN B 288 -1.33 5.40 27.57
N ILE B 289 -1.59 4.41 26.73
CA ILE B 289 -2.98 4.08 26.29
C ILE B 289 -3.74 3.37 27.42
N GLU B 290 -3.17 2.29 27.97
CA GLU B 290 -3.88 1.43 28.95
C GLU B 290 -4.11 2.19 30.25
N GLY B 291 -3.22 3.13 30.61
CA GLY B 291 -3.23 3.82 31.90
C GLY B 291 -4.06 5.09 31.92
N GLY B 292 -4.58 5.56 30.79
CA GLY B 292 -5.47 6.74 30.73
C GLY B 292 -4.75 8.03 30.35
N ASP B 293 -3.42 8.00 30.17
CA ASP B 293 -2.62 9.21 29.87
C ASP B 293 -3.03 9.76 28.51
N PHE B 294 -3.13 8.90 27.49
CA PHE B 294 -3.57 9.38 26.17
C PHE B 294 -5.00 9.95 26.28
N SER B 295 -5.90 9.27 26.98
CA SER B 295 -7.30 9.76 27.09
C SER B 295 -7.34 11.18 27.67
N ALA B 296 -6.53 11.47 28.69
CA ALA B 296 -6.40 12.82 29.29
C ALA B 296 -5.85 13.82 28.26
N TYR B 297 -4.82 13.42 27.51
CA TYR B 297 -4.23 14.26 26.42
C TYR B 297 -5.29 14.59 25.37
N LEU B 298 -6.06 13.58 24.92
CA LEU B 298 -7.13 13.78 23.90
C LEU B 298 -8.18 14.78 24.42
N LYS B 299 -8.61 14.64 25.67
CA LYS B 299 -9.62 15.55 26.26
C LYS B 299 -9.11 17.00 26.22
N GLU B 300 -7.83 17.21 26.58
CA GLU B 300 -7.21 18.56 26.56
C GLU B 300 -7.17 19.07 25.12
N GLN B 301 -6.76 18.23 24.17
CA GLN B 301 -6.60 18.62 22.74
C GLN B 301 -7.98 18.99 22.17
N ALA B 302 -9.05 18.27 22.53
CA ALA B 302 -10.43 18.53 22.03
C ALA B 302 -11.00 19.82 22.63
N SER B 303 -10.64 20.15 23.87
CA SER B 303 -11.20 21.26 24.67
C SER B 303 -11.16 22.60 23.90
N ASN B 304 -10.50 22.62 22.72
CA ASN B 304 -10.21 23.82 21.88
C ASN B 304 -10.91 23.80 20.52
N ASP B 305 -11.72 22.79 20.21
CA ASP B 305 -12.04 22.39 18.82
C ASP B 305 -10.69 22.11 18.13
N TYR B 306 -9.77 21.50 18.87
CA TYR B 306 -8.56 20.85 18.29
C TYR B 306 -7.62 21.89 17.68
N ALA B 307 -7.48 23.06 18.29
CA ALA B 307 -6.60 24.15 17.81
C ALA B 307 -5.17 23.63 17.65
N SER B 308 -4.64 22.88 18.63
CA SER B 308 -3.24 22.36 18.62
C SER B 308 -3.05 21.40 17.43
N LEU B 309 -4.05 20.57 17.13
CA LEU B 309 -4.00 19.64 15.98
C LEU B 309 -3.96 20.44 14.66
N ASP B 310 -4.76 21.50 14.53
CA ASP B 310 -4.73 22.35 13.31
C ASP B 310 -3.29 22.87 13.09
N ASP B 311 -2.62 23.34 14.14
CA ASP B 311 -1.23 23.85 14.07
C ASP B 311 -0.27 22.72 13.65
N ALA B 312 -0.43 21.51 14.20
CA ALA B 312 0.41 20.34 13.87
C ALA B 312 0.22 19.94 12.41
N ARG B 313 -1.01 19.90 11.93
CA ARG B 313 -1.34 19.59 10.53
C ARG B 313 -0.65 20.60 9.60
N ARG B 314 -0.77 21.89 9.86
CA ARG B 314 -0.16 22.96 9.01
C ARG B 314 1.36 22.84 9.03
N ALA B 315 1.96 22.59 10.20
CA ALA B 315 3.44 22.49 10.35
C ALA B 315 3.95 21.27 9.55
N ALA B 316 3.22 20.17 9.56
CA ALA B 316 3.65 18.92 8.86
C ALA B 316 3.80 19.21 7.35
N LEU B 317 2.92 20.03 6.76
CA LEU B 317 2.97 20.35 5.31
C LEU B 317 4.27 21.08 4.94
N LYS B 318 4.93 21.73 5.88
CA LYS B 318 6.19 22.48 5.64
C LYS B 318 7.42 21.58 5.77
N ARG B 319 7.28 20.33 6.22
CA ARG B 319 8.43 19.41 6.37
C ARG B 319 9.00 19.08 4.99
N PRO B 320 10.34 18.93 4.86
CA PRO B 320 10.97 18.62 3.56
C PRO B 320 10.30 17.48 2.76
N LEU B 321 9.86 16.41 3.43
CA LEU B 321 9.18 15.27 2.76
C LEU B 321 7.95 15.77 2.01
N ASN B 322 7.18 16.67 2.63
CA ASN B 322 5.89 17.15 2.07
C ASN B 322 6.16 18.22 1.01
N VAL B 323 7.21 19.02 1.17
CA VAL B 323 7.60 19.98 0.10
C VAL B 323 8.00 19.18 -1.15
N ALA B 324 8.82 18.13 -0.98
CA ALA B 324 9.28 17.23 -2.06
C ALA B 324 8.06 16.49 -2.64
N HIS B 325 7.11 16.09 -1.80
CA HIS B 325 5.90 15.38 -2.31
C HIS B 325 5.22 16.25 -3.37
N ALA B 326 4.99 17.52 -3.08
CA ALA B 326 4.26 18.43 -3.99
C ALA B 326 5.04 18.58 -5.30
N GLN B 327 6.37 18.65 -5.24
CA GLN B 327 7.25 18.77 -6.44
C GLN B 327 7.15 17.50 -7.28
N VAL B 328 7.23 16.32 -6.64
CA VAL B 328 7.14 15.00 -7.32
C VAL B 328 5.74 14.85 -7.93
N ARG B 329 4.69 15.11 -7.16
CA ARG B 329 3.30 14.91 -7.67
C ARG B 329 3.03 15.81 -8.88
N ALA B 330 3.58 17.03 -8.89
CA ALA B 330 3.38 17.97 -10.03
C ALA B 330 4.10 17.47 -11.29
N ALA B 331 5.15 16.65 -11.14
CA ALA B 331 6.07 16.23 -12.22
C ALA B 331 5.74 14.83 -12.76
N PHE B 332 5.13 13.96 -11.93
CA PHE B 332 4.83 12.54 -12.25
C PHE B 332 3.33 12.27 -12.05
N ARG B 333 2.68 11.70 -13.07
CA ARG B 333 1.24 11.34 -13.00
C ARG B 333 1.13 10.05 -12.18
N PHE B 334 0.28 10.05 -11.15
CA PHE B 334 -0.02 8.87 -10.29
C PHE B 334 -1.35 8.25 -10.73
N PRO B 335 -1.47 6.92 -10.85
CA PRO B 335 -2.76 6.30 -11.21
C PRO B 335 -3.86 6.59 -10.18
N THR B 336 -4.95 7.25 -10.58
CA THR B 336 -6.12 7.49 -9.68
C THR B 336 -7.41 7.11 -10.41
N GLU B 337 -8.48 6.81 -9.67
CA GLU B 337 -9.85 6.66 -10.23
C GLU B 337 -10.70 7.86 -9.80
N ALA B 338 -11.63 8.28 -10.66
CA ALA B 338 -12.56 9.40 -10.42
C ALA B 338 -13.41 9.07 -9.19
N ALA B 339 -13.56 10.04 -8.29
CA ALA B 339 -14.21 9.90 -6.97
C ALA B 339 -15.54 10.68 -6.94
N GLY B 340 -15.80 11.53 -7.93
CA GLY B 340 -17.04 12.33 -7.97
C GLY B 340 -18.26 11.43 -8.02
N GLY B 341 -19.22 11.62 -7.10
CA GLY B 341 -20.48 10.86 -7.09
C GLY B 341 -20.36 9.48 -6.45
N LEU B 342 -19.19 9.14 -5.88
CA LEU B 342 -18.91 7.81 -5.25
C LEU B 342 -20.02 7.45 -4.24
N TYR B 343 -20.53 8.43 -3.49
CA TYR B 343 -21.47 8.21 -2.36
C TYR B 343 -22.93 8.47 -2.77
N GLN B 344 -23.21 8.81 -4.03
CA GLN B 344 -24.59 8.85 -4.55
C GLN B 344 -25.09 7.41 -4.70
N ALA B 345 -26.41 7.24 -4.78
CA ALA B 345 -27.08 5.92 -4.88
C ALA B 345 -26.57 5.18 -6.13
N ALA B 346 -26.23 3.89 -5.98
CA ALA B 346 -26.02 2.95 -7.11
C ALA B 346 -27.37 2.73 -7.80
#